data_5WJL
#
_entry.id   5WJL
#
_cell.length_a   155.500
_cell.length_b   150.198
_cell.length_c   105.829
_cell.angle_alpha   90.00
_cell.angle_beta   120.53
_cell.angle_gamma   90.00
#
_symmetry.space_group_name_H-M   'C 1 2 1'
#
loop_
_entity.id
_entity.type
_entity.pdbx_description
1 polymer 'HLA class I histocompatibility antigen, A-11 alpha chain'
2 polymer Beta-2-microglobulin
3 polymer 'GTS1 peptide'
4 non-polymer 'CHLORIDE ION'
5 water water
#
loop_
_entity_poly.entity_id
_entity_poly.type
_entity_poly.pdbx_seq_one_letter_code
_entity_poly.pdbx_strand_id
1 'polypeptide(L)'
;GSHSMRYFYTSVSRPGRGEPRFIAVGYVDDTQFVRFDSDAASQRMEPRAPWIEQEGPEYWDQETRNVKAQSQTDRVDLGT
LRGYYNQSEDGSHTIQIMYGCDVGPDGRFLRGYRQDAYDGKDYIALNEDLRSWTAADMAAQITKRKWEAAHAAEQQRAYL
EGRCVEWLRRYLENGKETLQRTDPPKTHMTHHPISDHEATLRCWALGFYPAEITLTWQRDGEDQTQDTELVETRPAGDGT
FQKWAAVVVPSGEEQRYTCHVQHEGLPKPLTLRW
;
A,D,G
2 'polypeptide(L)'
;MIQRTPKIQVYSRHPAENGKSNFLNCYVSGFHPSDIEVDLLKNGERIEKVEHSDLSFSKDWSFYLLYYTEFTPTEKDEYA
CRVNHVTLSQPKIVKWDRDM
;
B,E,H
3 'polypeptide(L)' GTSGSPIVNR C,F,I
#
# COMPACT_ATOMS: atom_id res chain seq x y z
N GLY A 1 21.88 2.55 31.33
CA GLY A 1 22.89 3.06 30.41
C GLY A 1 22.84 4.57 30.29
N SER A 2 22.51 5.08 29.07
CA SER A 2 22.33 6.52 28.82
C SER A 2 20.83 6.85 28.74
N HIS A 3 20.40 7.99 29.33
CA HIS A 3 18.99 8.39 29.39
C HIS A 3 18.61 9.69 28.73
N SER A 4 17.32 9.84 28.44
CA SER A 4 16.83 11.01 27.73
C SER A 4 15.44 11.48 28.18
N MET A 5 15.29 12.78 28.40
CA MET A 5 13.99 13.37 28.70
C MET A 5 13.58 14.19 27.48
N ARG A 6 12.31 14.05 27.06
CA ARG A 6 11.80 14.67 25.85
C ARG A 6 10.34 15.17 25.99
N TYR A 7 10.13 16.38 25.51
CA TYR A 7 8.80 16.97 25.52
C TYR A 7 8.35 17.15 24.04
N PHE A 8 7.05 16.89 23.75
CA PHE A 8 6.50 16.99 22.41
C PHE A 8 5.23 17.80 22.48
N TYR A 9 5.23 18.98 21.88
CA TYR A 9 4.08 19.88 21.95
C TYR A 9 3.40 19.93 20.58
N THR A 10 2.05 19.95 20.55
CA THR A 10 1.32 20.05 19.28
C THR A 10 0.18 21.06 19.36
N SER A 11 0.30 22.14 18.60
CA SER A 11 -0.73 23.16 18.54
C SER A 11 -1.39 23.10 17.20
N VAL A 12 -2.74 22.90 17.17
CA VAL A 12 -3.52 22.81 15.93
C VAL A 12 -4.63 23.82 15.87
N SER A 13 -4.56 24.73 14.90
CA SER A 13 -5.61 25.74 14.71
C SER A 13 -6.87 25.09 14.21
N ARG A 14 -8.03 25.64 14.59
CA ARG A 14 -9.34 25.17 14.14
C ARG A 14 -10.26 26.35 13.81
N PRO A 15 -10.09 26.87 12.57
CA PRO A 15 -10.86 28.06 12.17
C PRO A 15 -12.37 27.84 12.17
N GLY A 16 -13.06 28.71 12.89
CA GLY A 16 -14.52 28.64 13.03
C GLY A 16 -14.99 27.57 14.01
N ARG A 17 -14.06 26.69 14.48
CA ARG A 17 -14.34 25.63 15.45
C ARG A 17 -13.79 26.06 16.85
N GLY A 18 -13.62 27.38 17.02
CA GLY A 18 -13.13 28.02 18.24
C GLY A 18 -11.64 28.30 18.33
N GLU A 19 -11.04 27.90 19.46
CA GLU A 19 -9.63 28.11 19.75
C GLU A 19 -8.73 26.92 19.44
N PRO A 20 -7.42 27.14 19.17
CA PRO A 20 -6.57 26.00 18.76
C PRO A 20 -6.30 24.98 19.84
N ARG A 21 -6.02 23.75 19.39
CA ARG A 21 -5.75 22.67 20.32
C ARG A 21 -4.28 22.39 20.62
N PHE A 22 -3.94 22.49 21.92
CA PHE A 22 -2.62 22.26 22.40
C PHE A 22 -2.60 20.96 23.16
N ILE A 23 -1.64 20.10 22.81
CA ILE A 23 -1.38 18.83 23.52
C ILE A 23 0.10 18.83 23.75
N ALA A 24 0.50 18.40 24.94
CA ALA A 24 1.92 18.31 25.29
C ALA A 24 2.11 17.04 26.02
N VAL A 25 3.14 16.30 25.66
CA VAL A 25 3.46 15.03 26.30
C VAL A 25 4.95 15.02 26.70
N GLY A 26 5.25 14.31 27.76
CA GLY A 26 6.63 14.22 28.22
C GLY A 26 7.05 12.79 28.43
N TYR A 27 8.26 12.46 27.99
CA TYR A 27 8.79 11.12 28.15
C TYR A 27 10.15 11.19 28.79
N VAL A 28 10.50 10.10 29.47
CA VAL A 28 11.83 9.75 29.92
C VAL A 28 12.01 8.40 29.20
N ASP A 29 13.08 8.28 28.36
CA ASP A 29 13.35 7.08 27.58
C ASP A 29 12.11 6.74 26.78
N ASP A 30 11.53 5.54 26.95
CA ASP A 30 10.33 5.18 26.19
C ASP A 30 9.07 5.22 27.03
N THR A 31 9.19 5.78 28.23
CA THR A 31 8.08 5.89 29.15
C THR A 31 7.54 7.31 29.17
N GLN A 32 6.25 7.49 28.80
CA GLN A 32 5.57 8.80 28.89
C GLN A 32 5.33 9.02 30.36
N PHE A 33 5.26 10.28 30.81
CA PHE A 33 5.05 10.53 32.24
C PHE A 33 4.11 11.69 32.54
N VAL A 34 3.96 12.66 31.63
CA VAL A 34 3.07 13.80 31.83
C VAL A 34 2.30 14.08 30.56
N ARG A 35 1.15 14.74 30.70
CA ARG A 35 0.32 15.13 29.58
C ARG A 35 -0.38 16.40 29.91
N PHE A 36 -0.92 17.07 28.89
CA PHE A 36 -1.71 18.29 29.04
C PHE A 36 -2.48 18.48 27.78
N ASP A 37 -3.77 18.68 27.93
CA ASP A 37 -4.64 18.84 26.79
C ASP A 37 -5.44 20.12 26.97
N SER A 38 -5.39 20.99 25.94
CA SER A 38 -6.10 22.25 25.92
C SER A 38 -7.59 21.93 26.12
N ASP A 39 -8.08 20.88 25.44
CA ASP A 39 -9.46 20.43 25.49
C ASP A 39 -9.90 19.87 26.82
N ALA A 40 -9.26 18.77 27.28
CA ALA A 40 -9.59 18.06 28.52
C ALA A 40 -9.94 18.95 29.72
N ALA A 41 -11.07 18.59 30.36
CA ALA A 41 -11.71 19.24 31.51
C ALA A 41 -10.78 19.74 32.57
N SER A 42 -9.72 18.95 32.88
CA SER A 42 -8.69 19.19 33.88
C SER A 42 -7.99 20.59 33.96
N GLN A 43 -7.39 21.06 32.83
CA GLN A 43 -6.59 22.29 32.69
C GLN A 43 -5.40 22.29 33.66
N ARG A 44 -4.70 21.15 33.68
CA ARG A 44 -3.55 20.89 34.52
C ARG A 44 -2.64 19.90 33.82
N MET A 45 -1.38 19.91 34.19
CA MET A 45 -0.51 18.89 33.71
C MET A 45 -0.88 17.65 34.54
N GLU A 46 -1.26 16.58 33.86
CA GLU A 46 -1.63 15.35 34.52
C GLU A 46 -0.46 14.37 34.54
N PRO A 47 -0.27 13.57 35.62
CA PRO A 47 0.74 12.50 35.59
C PRO A 47 0.23 11.32 34.73
N ARG A 48 1.18 10.64 34.03
CA ARG A 48 0.90 9.49 33.18
C ARG A 48 1.92 8.35 33.40
N ALA A 49 2.51 8.32 34.62
CA ALA A 49 3.48 7.34 35.12
C ALA A 49 3.40 7.39 36.66
N PRO A 50 3.62 6.28 37.40
CA PRO A 50 3.45 6.34 38.86
C PRO A 50 4.47 7.21 39.60
N TRP A 51 5.76 7.13 39.24
CA TRP A 51 6.84 7.87 39.89
C TRP A 51 6.66 9.39 39.91
N ILE A 52 5.79 9.88 39.02
CA ILE A 52 5.51 11.31 38.95
C ILE A 52 4.41 11.78 39.92
N GLU A 53 3.47 10.87 40.29
CA GLU A 53 2.36 11.15 41.23
C GLU A 53 2.88 11.64 42.58
N GLN A 54 4.05 11.16 43.04
CA GLN A 54 4.64 11.66 44.28
C GLN A 54 4.91 13.20 44.26
N GLU A 55 4.92 13.86 43.08
CA GLU A 55 5.19 15.29 42.95
C GLU A 55 4.12 16.21 43.55
N GLY A 56 4.59 17.20 44.33
CA GLY A 56 3.75 18.19 45.02
C GLY A 56 2.90 19.10 44.16
N PRO A 57 1.87 19.83 44.73
CA PRO A 57 1.04 20.72 43.88
C PRO A 57 1.89 21.85 43.38
N GLU A 58 3.02 22.09 44.07
CA GLU A 58 3.95 23.10 43.65
C GLU A 58 4.54 22.74 42.29
N TYR A 59 4.91 21.45 42.06
CA TYR A 59 5.40 20.91 40.79
C TYR A 59 4.33 21.14 39.72
N TRP A 60 3.16 20.50 39.89
CA TRP A 60 2.03 20.54 38.98
C TRP A 60 1.61 21.94 38.56
N ASP A 61 1.75 22.92 39.46
CA ASP A 61 1.40 24.32 39.21
C ASP A 61 2.29 24.87 38.14
N GLN A 62 3.64 24.89 38.41
CA GLN A 62 4.68 25.39 37.52
C GLN A 62 4.60 24.73 36.16
N GLU A 63 4.49 23.40 36.14
CA GLU A 63 4.35 22.66 34.90
C GLU A 63 3.17 23.20 34.05
N THR A 64 2.01 23.38 34.70
CA THR A 64 0.79 23.93 34.06
C THR A 64 1.00 25.39 33.58
N ARG A 65 1.74 26.18 34.38
CA ARG A 65 2.02 27.57 34.06
C ARG A 65 2.78 27.68 32.72
N ASN A 66 3.88 26.89 32.66
CA ASN A 66 4.83 26.71 31.56
C ASN A 66 4.13 26.34 30.25
N VAL A 67 3.33 25.28 30.34
CA VAL A 67 2.63 24.69 29.22
C VAL A 67 1.56 25.64 28.64
N LYS A 68 0.75 26.29 29.52
CA LYS A 68 -0.28 27.22 29.11
C LYS A 68 0.36 28.43 28.44
N ALA A 69 1.51 28.90 29.01
CA ALA A 69 2.26 30.03 28.47
C ALA A 69 2.68 29.71 27.05
N GLN A 70 3.24 28.49 26.82
CA GLN A 70 3.57 28.07 25.45
C GLN A 70 2.31 28.00 24.58
N SER A 71 1.23 27.43 25.14
CA SER A 71 0.01 27.25 24.39
C SER A 71 -0.50 28.56 23.88
N GLN A 72 -0.46 29.60 24.76
CA GLN A 72 -0.91 30.94 24.35
C GLN A 72 0.03 31.53 23.32
N THR A 73 1.33 31.29 23.46
CA THR A 73 2.34 31.78 22.55
C THR A 73 1.99 31.27 21.18
N ASP A 74 1.83 29.92 21.06
CA ASP A 74 1.48 29.22 19.84
C ASP A 74 0.24 29.80 19.23
N ARG A 75 -0.72 30.16 20.10
CA ARG A 75 -1.98 30.78 19.65
C ARG A 75 -1.67 31.96 18.72
N VAL A 76 -0.85 32.90 19.21
CA VAL A 76 -0.45 34.12 18.50
C VAL A 76 0.34 33.76 17.28
N ASP A 77 1.41 32.93 17.52
CA ASP A 77 2.34 32.44 16.51
C ASP A 77 1.68 31.79 15.29
N LEU A 78 0.55 31.07 15.52
CA LEU A 78 -0.21 30.45 14.44
C LEU A 78 -0.65 31.49 13.40
N GLY A 79 -1.00 32.67 13.89
CA GLY A 79 -1.41 33.80 13.09
C GLY A 79 -0.20 34.42 12.45
N THR A 80 0.84 34.67 13.22
CA THR A 80 2.05 35.27 12.66
C THR A 80 2.54 34.44 11.47
N LEU A 81 2.48 33.10 11.59
CA LEU A 81 2.89 32.15 10.55
C LEU A 81 2.02 32.16 9.27
N ARG A 82 0.68 32.41 9.41
CA ARG A 82 -0.22 32.58 8.24
C ARG A 82 0.22 33.86 7.52
N GLY A 83 0.46 34.93 8.27
CA GLY A 83 0.95 36.21 7.78
C GLY A 83 2.25 36.06 7.01
N TYR A 84 3.15 35.23 7.54
CA TYR A 84 4.43 34.98 6.92
C TYR A 84 4.24 34.39 5.52
N TYR A 85 3.76 33.14 5.52
CA TYR A 85 3.45 32.26 4.40
C TYR A 85 2.12 32.62 3.70
N ASN A 86 1.71 33.91 3.77
CA ASN A 86 0.50 34.52 3.19
C ASN A 86 -0.62 33.51 2.95
N GLN A 87 -1.27 33.07 4.02
CA GLN A 87 -2.33 32.07 4.00
C GLN A 87 -3.65 32.60 4.52
N SER A 88 -4.74 31.99 4.04
CA SER A 88 -6.11 32.33 4.42
C SER A 88 -6.42 31.89 5.85
N GLU A 89 -7.37 32.59 6.51
CA GLU A 89 -7.86 32.34 7.86
C GLU A 89 -8.61 31.03 7.97
N ASP A 90 -9.39 30.65 6.95
CA ASP A 90 -10.21 29.43 6.95
C ASP A 90 -9.45 28.11 7.11
N GLY A 91 -8.19 28.07 6.66
CA GLY A 91 -7.35 26.88 6.72
C GLY A 91 -6.83 26.57 8.12
N SER A 92 -6.79 25.26 8.48
CA SER A 92 -6.27 24.78 9.78
C SER A 92 -4.77 24.45 9.67
N HIS A 93 -3.96 24.85 10.67
CA HIS A 93 -2.52 24.59 10.68
C HIS A 93 -1.91 23.98 11.96
N THR A 94 -0.69 23.47 11.85
CA THR A 94 -0.05 22.78 12.96
C THR A 94 1.33 23.37 13.32
N ILE A 95 1.55 23.67 14.62
CA ILE A 95 2.87 24.06 15.15
C ILE A 95 3.28 22.95 16.09
N GLN A 96 4.49 22.41 15.91
CA GLN A 96 5.05 21.42 16.82
C GLN A 96 6.50 21.77 17.19
N ILE A 97 6.85 21.49 18.43
CA ILE A 97 8.15 21.75 19.05
C ILE A 97 8.51 20.40 19.68
N MET A 98 9.77 20.04 19.59
CA MET A 98 10.30 18.83 20.19
C MET A 98 11.59 19.25 20.84
N TYR A 99 11.64 19.16 22.18
CA TYR A 99 12.85 19.52 22.93
C TYR A 99 13.19 18.50 24.00
N GLY A 100 14.45 18.40 24.35
CA GLY A 100 14.84 17.44 25.36
C GLY A 100 16.28 17.52 25.71
N CYS A 101 16.82 16.43 26.32
CA CYS A 101 18.25 16.26 26.68
C CYS A 101 18.61 14.81 26.92
N ASP A 102 19.85 14.46 26.58
CA ASP A 102 20.46 13.14 26.77
C ASP A 102 21.52 13.22 27.85
N VAL A 103 21.62 12.17 28.67
CA VAL A 103 22.66 12.08 29.70
C VAL A 103 23.29 10.70 29.64
N GLY A 104 24.58 10.63 29.96
CA GLY A 104 25.30 9.35 29.98
C GLY A 104 25.15 8.61 31.31
N PRO A 105 25.70 7.37 31.43
CA PRO A 105 25.58 6.61 32.69
C PRO A 105 25.98 7.38 33.96
N ASP A 106 26.92 8.31 33.79
CA ASP A 106 27.44 9.27 34.76
C ASP A 106 26.29 9.97 35.50
N GLY A 107 25.38 10.51 34.70
CA GLY A 107 24.22 11.29 35.10
C GLY A 107 24.42 12.74 34.68
N ARG A 108 25.29 12.91 33.68
CA ARG A 108 25.64 14.21 33.17
C ARG A 108 25.46 14.34 31.69
N PHE A 109 25.25 15.59 31.30
CA PHE A 109 24.99 16.13 29.98
C PHE A 109 25.65 15.42 28.80
N LEU A 110 24.97 15.43 27.64
CA LEU A 110 25.49 14.85 26.42
C LEU A 110 25.17 15.71 25.25
N ARG A 111 23.87 16.05 25.12
CA ARG A 111 23.33 16.94 24.09
C ARG A 111 22.00 17.53 24.53
N GLY A 112 21.61 18.59 23.82
CA GLY A 112 20.37 19.32 24.01
C GLY A 112 19.59 19.32 22.71
N TYR A 113 18.37 19.77 22.74
CA TYR A 113 17.56 19.74 21.53
C TYR A 113 16.44 20.73 21.64
N ARG A 114 16.18 21.46 20.56
CA ARG A 114 14.99 22.26 20.42
C ARG A 114 14.80 22.44 18.96
N GLN A 115 13.65 21.95 18.47
CA GLN A 115 13.29 22.06 17.06
C GLN A 115 11.82 22.22 16.84
N ASP A 116 11.47 23.04 15.87
CA ASP A 116 10.12 23.44 15.55
C ASP A 116 9.81 23.11 14.12
N ALA A 117 8.52 22.84 13.87
CA ALA A 117 8.00 22.60 12.54
C ALA A 117 6.57 23.10 12.39
N TYR A 118 6.32 23.72 11.25
CA TYR A 118 5.03 24.27 10.89
C TYR A 118 4.52 23.49 9.71
N ASP A 119 3.36 22.85 9.93
CA ASP A 119 2.66 22.01 8.96
C ASP A 119 3.56 20.83 8.57
N GLY A 120 4.12 20.18 9.59
CA GLY A 120 4.98 19.01 9.44
C GLY A 120 6.33 19.23 8.82
N LYS A 121 6.58 20.41 8.23
CA LYS A 121 7.88 20.67 7.66
C LYS A 121 8.80 21.44 8.63
N ASP A 122 10.09 21.06 8.71
CA ASP A 122 11.10 21.71 9.55
C ASP A 122 11.02 23.25 9.41
N TYR A 123 10.98 23.98 10.56
CA TYR A 123 10.87 25.45 10.61
C TYR A 123 12.15 26.18 11.08
N ILE A 124 12.58 25.90 12.33
CA ILE A 124 13.76 26.46 13.00
C ILE A 124 14.26 25.38 13.94
N ALA A 125 15.55 25.41 14.28
CA ALA A 125 16.13 24.43 15.18
C ALA A 125 17.35 25.01 15.75
N LEU A 126 17.52 24.78 17.03
CA LEU A 126 18.68 25.18 17.80
C LEU A 126 19.80 24.20 17.43
N ASN A 127 20.98 24.74 17.12
CA ASN A 127 22.21 24.02 16.77
C ASN A 127 22.79 23.26 17.97
N GLU A 128 23.72 22.31 17.70
CA GLU A 128 24.32 21.48 18.76
C GLU A 128 25.03 22.31 19.78
N ASP A 129 25.68 23.41 19.33
CA ASP A 129 26.34 24.35 20.22
C ASP A 129 25.43 24.97 21.27
N LEU A 130 24.09 25.14 20.98
CA LEU A 130 23.06 25.74 21.86
C LEU A 130 23.35 27.21 22.02
N ARG A 131 23.80 27.77 20.90
CA ARG A 131 24.27 29.13 20.83
C ARG A 131 23.76 29.75 19.53
N SER A 132 23.42 28.89 18.55
CA SER A 132 22.96 29.34 17.25
C SER A 132 21.71 28.64 16.76
N TRP A 133 21.02 29.28 15.79
CA TRP A 133 19.77 28.75 15.28
C TRP A 133 19.93 28.43 13.85
N THR A 134 19.12 27.49 13.33
CA THR A 134 19.07 27.20 11.91
C THR A 134 17.64 27.40 11.40
N ALA A 135 17.48 28.35 10.44
CA ALA A 135 16.20 28.66 9.80
C ALA A 135 15.98 27.85 8.53
N ALA A 136 14.90 27.11 8.49
CA ALA A 136 14.54 26.28 7.35
C ALA A 136 14.08 27.04 6.12
N ASP A 137 13.73 28.35 6.24
CA ASP A 137 13.31 29.21 5.12
C ASP A 137 13.33 30.70 5.39
N MET A 138 12.85 31.48 4.41
CA MET A 138 12.76 32.93 4.41
C MET A 138 11.91 33.41 5.59
N ALA A 139 10.83 32.64 5.91
CA ALA A 139 9.90 32.89 7.00
C ALA A 139 10.61 32.67 8.33
N ALA A 140 11.15 31.45 8.51
CA ALA A 140 11.90 31.02 9.68
C ALA A 140 13.09 31.93 9.99
N GLN A 141 13.59 32.66 8.97
CA GLN A 141 14.69 33.60 9.10
C GLN A 141 14.25 34.76 10.02
N ILE A 142 13.02 35.31 9.80
CA ILE A 142 12.48 36.37 10.66
C ILE A 142 12.41 35.87 12.12
N THR A 143 11.96 34.63 12.34
CA THR A 143 11.91 34.08 13.67
C THR A 143 13.33 34.03 14.24
N LYS A 144 14.32 33.57 13.44
CA LYS A 144 15.74 33.44 13.83
C LYS A 144 16.29 34.76 14.26
N ARG A 145 16.11 35.77 13.40
CA ARG A 145 16.61 37.10 13.66
C ARG A 145 16.01 37.74 14.90
N LYS A 146 14.74 37.39 15.20
CA LYS A 146 13.95 37.81 16.36
C LYS A 146 14.59 37.21 17.60
N TRP A 147 14.69 35.89 17.61
CA TRP A 147 15.26 35.08 18.68
C TRP A 147 16.73 35.39 18.96
N GLU A 148 17.44 35.81 17.90
CA GLU A 148 18.82 36.22 17.98
C GLU A 148 18.88 37.48 18.82
N ALA A 149 18.01 38.47 18.54
CA ALA A 149 17.95 39.75 19.23
C ALA A 149 17.48 39.66 20.67
N ALA A 150 16.72 38.60 20.96
CA ALA A 150 16.13 38.34 22.27
C ALA A 150 17.11 37.55 23.11
N HIS A 151 18.13 36.96 22.45
CA HIS A 151 19.16 36.14 23.06
C HIS A 151 18.55 34.84 23.58
N ALA A 152 17.51 34.31 22.85
CA ALA A 152 16.78 33.08 23.23
C ALA A 152 17.68 31.89 23.51
N ALA A 153 18.76 31.74 22.68
CA ALA A 153 19.69 30.64 22.75
C ALA A 153 20.25 30.47 24.13
N GLU A 154 20.79 31.56 24.70
CA GLU A 154 21.35 31.58 26.04
C GLU A 154 20.35 30.94 26.99
N GLN A 155 19.10 31.41 26.98
CA GLN A 155 18.06 30.89 27.85
C GLN A 155 17.80 29.43 27.60
N GLN A 156 17.77 29.02 26.30
CA GLN A 156 17.55 27.61 25.93
C GLN A 156 18.61 26.69 26.57
N ARG A 157 19.90 27.02 26.31
CA ARG A 157 21.04 26.28 26.83
C ARG A 157 20.92 26.16 28.33
N ALA A 158 20.70 27.28 29.02
CA ALA A 158 20.56 27.30 30.46
C ALA A 158 19.64 26.16 30.96
N TYR A 159 18.48 25.94 30.29
CA TYR A 159 17.54 24.86 30.60
C TYR A 159 18.20 23.54 30.16
N LEU A 160 18.41 23.41 28.85
CA LEU A 160 18.95 22.24 28.20
C LEU A 160 20.21 21.68 28.86
N GLU A 161 21.18 22.54 29.15
CA GLU A 161 22.41 22.18 29.84
C GLU A 161 22.20 21.88 31.35
N GLY A 162 21.40 22.70 32.04
CA GLY A 162 21.16 22.59 33.48
C GLY A 162 19.85 21.96 33.94
N ARG A 163 18.82 22.80 34.19
CA ARG A 163 17.49 22.39 34.65
C ARG A 163 17.09 21.05 34.07
N CYS A 164 17.23 20.90 32.76
CA CYS A 164 16.85 19.67 32.07
C CYS A 164 17.50 18.40 32.62
N VAL A 165 18.82 18.39 32.73
CA VAL A 165 19.58 17.25 33.24
C VAL A 165 19.27 17.01 34.73
N GLU A 166 19.02 18.09 35.46
CA GLU A 166 18.74 18.09 36.87
C GLU A 166 17.44 17.38 37.19
N TRP A 167 16.38 17.61 36.39
CA TRP A 167 15.08 16.96 36.50
C TRP A 167 15.29 15.48 36.19
N LEU A 168 16.11 15.22 35.13
CA LEU A 168 16.34 13.87 34.67
C LEU A 168 16.93 13.02 35.80
N ARG A 169 18.01 13.53 36.43
CA ARG A 169 18.68 12.91 37.59
C ARG A 169 17.60 12.41 38.55
N ARG A 170 16.72 13.36 38.97
CA ARG A 170 15.62 13.21 39.90
C ARG A 170 14.63 12.18 39.45
N TYR A 171 14.20 12.25 38.20
CA TYR A 171 13.21 11.30 37.70
C TYR A 171 13.76 9.87 37.69
N LEU A 172 15.07 9.72 37.43
CA LEU A 172 15.74 8.42 37.39
C LEU A 172 15.91 7.80 38.78
N GLU A 173 16.19 8.63 39.80
CA GLU A 173 16.26 8.15 41.18
C GLU A 173 14.84 7.72 41.57
N ASN A 174 13.92 8.67 41.62
CA ASN A 174 12.52 8.49 41.98
C ASN A 174 11.75 7.45 41.20
N GLY A 175 12.22 7.08 40.02
CA GLY A 175 11.52 6.10 39.17
C GLY A 175 12.39 4.95 38.69
N LYS A 176 13.49 4.66 39.43
CA LYS A 176 14.42 3.59 39.13
C LYS A 176 13.73 2.29 38.73
N GLU A 177 12.90 1.70 39.61
CA GLU A 177 12.23 0.42 39.28
C GLU A 177 11.47 0.39 37.94
N THR A 178 10.99 1.53 37.47
CA THR A 178 10.31 1.60 36.19
C THR A 178 11.28 1.91 35.06
N LEU A 179 12.02 3.02 35.18
CA LEU A 179 12.91 3.62 34.18
C LEU A 179 14.24 2.93 33.98
N GLN A 180 14.85 2.45 35.08
CA GLN A 180 16.16 1.78 35.07
C GLN A 180 16.03 0.27 34.80
N ARG A 181 14.78 -0.25 34.63
CA ARG A 181 14.48 -1.63 34.23
C ARG A 181 14.98 -1.87 32.78
N THR A 182 15.10 -3.17 32.42
CA THR A 182 15.44 -3.71 31.10
C THR A 182 14.58 -4.94 30.98
N ASP A 183 13.58 -4.89 30.10
CA ASP A 183 12.65 -6.00 29.88
C ASP A 183 13.04 -6.73 28.60
N PRO A 184 13.66 -7.93 28.73
CA PRO A 184 14.12 -8.65 27.54
C PRO A 184 12.92 -9.26 26.82
N PRO A 185 13.05 -9.52 25.51
CA PRO A 185 11.88 -9.99 24.76
C PRO A 185 11.47 -11.44 25.01
N LYS A 186 10.17 -11.69 24.83
CA LYS A 186 9.56 -13.01 24.91
C LYS A 186 9.61 -13.52 23.45
N THR A 187 10.62 -14.36 23.14
CA THR A 187 10.88 -14.86 21.80
C THR A 187 10.38 -16.22 21.40
N HIS A 188 9.46 -16.22 20.47
CA HIS A 188 8.93 -17.45 19.91
C HIS A 188 9.10 -17.47 18.36
N MET A 189 8.48 -18.47 17.67
CA MET A 189 8.58 -18.64 16.21
C MET A 189 7.37 -19.36 15.64
N THR A 190 6.88 -18.93 14.47
CA THR A 190 5.71 -19.54 13.81
C THR A 190 5.94 -19.84 12.32
N HIS A 191 5.37 -20.94 11.84
CA HIS A 191 5.47 -21.35 10.45
C HIS A 191 4.09 -21.23 9.81
N HIS A 192 4.01 -20.63 8.61
CA HIS A 192 2.74 -20.46 7.89
C HIS A 192 2.88 -20.92 6.43
N PRO A 193 2.35 -22.12 6.09
CA PRO A 193 2.54 -22.64 4.72
C PRO A 193 1.79 -21.84 3.67
N ILE A 194 2.47 -21.42 2.62
CA ILE A 194 1.77 -20.64 1.59
C ILE A 194 1.59 -21.42 0.28
N SER A 195 2.16 -22.63 0.30
CA SER A 195 2.21 -23.65 -0.75
C SER A 195 2.68 -24.94 -0.08
N ASP A 196 2.94 -25.96 -0.89
CA ASP A 196 3.50 -27.24 -0.48
C ASP A 196 4.97 -27.18 -0.88
N HIS A 197 5.31 -26.13 -1.66
CA HIS A 197 6.63 -25.80 -2.21
C HIS A 197 7.25 -24.53 -1.57
N GLU A 198 6.46 -23.81 -0.73
CA GLU A 198 6.81 -22.56 -0.02
C GLU A 198 6.15 -22.48 1.39
N ALA A 199 6.51 -21.45 2.19
CA ALA A 199 6.00 -21.19 3.55
C ALA A 199 6.67 -19.96 4.19
N THR A 200 5.85 -19.10 4.86
CA THR A 200 6.31 -17.91 5.59
C THR A 200 6.80 -18.37 6.97
N LEU A 201 7.96 -17.88 7.37
CA LEU A 201 8.52 -18.21 8.68
C LEU A 201 8.62 -16.90 9.50
N ARG A 202 7.87 -16.82 10.61
CA ARG A 202 7.77 -15.64 11.48
C ARG A 202 8.57 -15.76 12.76
N CYS A 203 9.08 -14.63 13.21
CA CYS A 203 9.84 -14.57 14.44
C CYS A 203 9.34 -13.43 15.30
N TRP A 204 8.83 -13.77 16.51
CA TRP A 204 8.21 -12.81 17.42
C TRP A 204 8.99 -12.42 18.63
N ALA A 205 9.14 -11.10 18.82
CA ALA A 205 9.74 -10.45 19.97
C ALA A 205 8.58 -9.67 20.62
N LEU A 206 8.18 -10.05 21.86
CA LEU A 206 7.03 -9.44 22.55
C LEU A 206 7.37 -9.01 23.96
N GLY A 207 6.66 -8.00 24.46
CA GLY A 207 6.77 -7.44 25.80
C GLY A 207 8.16 -7.04 26.28
N PHE A 208 8.86 -6.21 25.47
CA PHE A 208 10.21 -5.76 25.80
C PHE A 208 10.30 -4.26 26.06
N TYR A 209 11.22 -3.87 26.95
CA TYR A 209 11.54 -2.47 27.27
C TYR A 209 13.07 -2.27 27.38
N PRO A 210 13.69 -1.27 26.70
CA PRO A 210 13.08 -0.24 25.84
C PRO A 210 12.66 -0.76 24.47
N ALA A 211 12.20 0.15 23.58
CA ALA A 211 11.70 -0.17 22.24
C ALA A 211 12.78 -0.58 21.25
N GLU A 212 14.04 -0.12 21.49
CA GLU A 212 15.16 -0.46 20.61
C GLU A 212 15.47 -1.94 20.69
N ILE A 213 15.25 -2.57 19.55
CA ILE A 213 15.49 -3.97 19.29
C ILE A 213 15.92 -4.11 17.86
N THR A 214 16.73 -5.16 17.61
CA THR A 214 17.21 -5.56 16.29
C THR A 214 16.82 -7.01 16.02
N LEU A 215 16.12 -7.22 14.88
CA LEU A 215 15.68 -8.52 14.41
C LEU A 215 16.34 -8.80 13.07
N THR A 216 17.15 -9.90 13.03
CA THR A 216 17.96 -10.34 11.88
C THR A 216 17.73 -11.82 11.52
N TRP A 217 17.55 -12.09 10.22
CA TRP A 217 17.31 -13.43 9.67
C TRP A 217 18.60 -14.02 9.05
N GLN A 218 18.84 -15.32 9.27
CA GLN A 218 20.02 -16.00 8.71
C GLN A 218 19.77 -17.42 8.17
N ARG A 219 20.25 -17.69 6.93
CA ARG A 219 20.19 -19.03 6.30
C ARG A 219 21.60 -19.66 6.37
N ASP A 220 21.82 -20.48 7.42
CA ASP A 220 23.06 -21.21 7.74
C ASP A 220 24.26 -20.29 8.09
N GLY A 221 23.98 -19.12 8.65
CA GLY A 221 24.99 -18.13 9.03
C GLY A 221 25.04 -16.93 8.10
N GLU A 222 24.59 -17.11 6.85
CA GLU A 222 24.52 -16.08 5.83
C GLU A 222 23.30 -15.19 6.10
N ASP A 223 23.54 -13.89 6.26
CA ASP A 223 22.50 -12.89 6.54
C ASP A 223 21.49 -12.78 5.40
N GLN A 224 20.19 -12.74 5.73
CA GLN A 224 19.14 -12.64 4.72
C GLN A 224 18.43 -11.30 4.65
N THR A 225 18.22 -10.81 3.42
CA THR A 225 17.53 -9.57 3.08
C THR A 225 16.55 -9.88 1.92
N GLN A 226 16.81 -11.04 1.25
CA GLN A 226 16.05 -11.59 0.13
C GLN A 226 14.75 -12.15 0.70
N ASP A 227 13.66 -11.39 0.50
CA ASP A 227 12.28 -11.70 0.92
C ASP A 227 12.00 -11.83 2.44
N THR A 228 12.47 -10.80 3.19
CA THR A 228 12.26 -10.60 4.62
C THR A 228 11.26 -9.46 4.76
N GLU A 229 10.27 -9.63 5.66
CA GLU A 229 9.21 -8.65 5.99
C GLU A 229 9.34 -8.31 7.48
N LEU A 230 9.60 -7.02 7.80
CA LEU A 230 9.77 -6.55 9.19
C LEU A 230 8.72 -5.50 9.52
N VAL A 231 7.99 -5.66 10.65
CA VAL A 231 6.98 -4.67 11.07
C VAL A 231 7.53 -3.62 12.01
N GLU A 232 6.99 -2.42 11.89
CA GLU A 232 7.33 -1.25 12.69
C GLU A 232 7.15 -1.61 14.19
N THR A 233 8.21 -1.48 15.06
CA THR A 233 8.02 -1.76 16.50
C THR A 233 6.74 -1.00 16.96
N ARG A 234 5.80 -1.76 17.57
CA ARG A 234 4.49 -1.31 18.07
C ARG A 234 4.38 -1.48 19.60
N PRO A 235 3.56 -0.67 20.31
CA PRO A 235 3.50 -0.84 21.78
C PRO A 235 2.42 -1.83 22.18
N ALA A 236 2.65 -2.49 23.31
CA ALA A 236 1.71 -3.47 23.85
C ALA A 236 0.44 -2.78 24.42
N GLY A 237 0.65 -1.59 25.00
CA GLY A 237 -0.39 -0.81 25.66
C GLY A 237 -0.27 -0.93 27.17
N ASP A 238 0.75 -1.69 27.61
CA ASP A 238 1.03 -1.97 29.00
C ASP A 238 2.45 -1.52 29.30
N GLY A 239 3.04 -0.82 28.33
CA GLY A 239 4.37 -0.22 28.46
C GLY A 239 5.55 -1.06 28.05
N THR A 240 5.29 -2.02 27.13
CA THR A 240 6.30 -2.88 26.53
C THR A 240 6.01 -2.89 25.05
N PHE A 241 7.00 -3.35 24.24
CA PHE A 241 6.84 -3.31 22.79
C PHE A 241 6.81 -4.66 22.10
N GLN A 242 6.42 -4.63 20.83
CA GLN A 242 6.24 -5.79 19.99
C GLN A 242 6.87 -5.55 18.64
N LYS A 243 7.60 -6.56 18.14
CA LYS A 243 8.19 -6.54 16.80
C LYS A 243 8.32 -7.97 16.29
N TRP A 244 8.02 -8.16 15.00
CA TRP A 244 8.22 -9.45 14.37
C TRP A 244 8.87 -9.33 13.00
N ALA A 245 9.63 -10.36 12.60
CA ALA A 245 10.27 -10.43 11.30
C ALA A 245 9.87 -11.74 10.63
N ALA A 246 9.56 -11.66 9.32
CA ALA A 246 9.14 -12.84 8.53
C ALA A 246 9.97 -13.06 7.26
N VAL A 247 10.05 -14.34 6.82
CA VAL A 247 10.80 -14.75 5.64
C VAL A 247 10.15 -15.93 4.89
N VAL A 248 10.18 -15.86 3.54
CA VAL A 248 9.69 -16.93 2.67
C VAL A 248 10.82 -17.91 2.38
N VAL A 249 10.58 -19.18 2.69
CA VAL A 249 11.53 -20.28 2.59
C VAL A 249 10.96 -21.45 1.75
N PRO A 250 11.79 -22.36 1.15
CA PRO A 250 11.20 -23.52 0.44
C PRO A 250 10.86 -24.61 1.45
N SER A 251 9.65 -25.21 1.32
CA SER A 251 9.12 -26.23 2.24
C SER A 251 10.17 -27.26 2.64
N GLY A 252 10.28 -27.53 3.94
CA GLY A 252 11.26 -28.46 4.48
C GLY A 252 12.58 -27.82 4.92
N GLU A 253 13.08 -26.84 4.12
CA GLU A 253 14.32 -26.07 4.37
C GLU A 253 14.15 -25.09 5.53
N GLU A 254 13.12 -25.31 6.34
CA GLU A 254 12.72 -24.54 7.53
C GLU A 254 13.78 -24.62 8.63
N GLN A 255 14.45 -25.78 8.71
CA GLN A 255 15.48 -26.01 9.71
C GLN A 255 16.78 -25.20 9.41
N ARG A 256 17.02 -24.84 8.11
CA ARG A 256 18.18 -24.09 7.60
C ARG A 256 18.27 -22.65 8.10
N TYR A 257 17.10 -22.03 8.38
CA TYR A 257 16.95 -20.64 8.83
C TYR A 257 16.94 -20.42 10.34
N THR A 258 17.67 -19.36 10.77
CA THR A 258 17.84 -18.90 12.17
C THR A 258 17.53 -17.40 12.32
N CYS A 259 16.93 -17.05 13.45
CA CYS A 259 16.64 -15.65 13.78
C CYS A 259 17.43 -15.20 14.98
N HIS A 260 18.11 -14.04 14.86
CA HIS A 260 18.94 -13.44 15.91
C HIS A 260 18.34 -12.16 16.43
N VAL A 261 18.15 -12.12 17.73
CA VAL A 261 17.50 -11.03 18.44
C VAL A 261 18.52 -10.28 19.27
N GLN A 262 18.64 -8.99 18.98
CA GLN A 262 19.54 -8.12 19.71
C GLN A 262 18.69 -7.15 20.51
N HIS A 263 18.82 -7.21 21.84
CA HIS A 263 18.12 -6.32 22.77
C HIS A 263 19.04 -6.00 23.93
N GLU A 264 18.83 -4.82 24.55
CA GLU A 264 19.61 -4.32 25.68
C GLU A 264 19.42 -5.18 26.95
N GLY A 265 18.27 -5.83 27.06
CA GLY A 265 17.92 -6.70 28.19
C GLY A 265 18.47 -8.13 28.09
N LEU A 266 19.20 -8.41 26.99
CA LEU A 266 19.81 -9.71 26.70
C LEU A 266 21.31 -9.69 27.04
N PRO A 267 21.78 -10.67 27.86
CA PRO A 267 23.22 -10.73 28.18
C PRO A 267 24.06 -11.06 26.95
N LYS A 268 23.52 -11.93 26.09
CA LYS A 268 24.12 -12.35 24.82
C LYS A 268 22.99 -12.58 23.78
N PRO A 269 23.19 -12.17 22.49
CA PRO A 269 22.11 -12.33 21.49
C PRO A 269 21.48 -13.72 21.36
N LEU A 270 20.16 -13.73 21.41
CA LEU A 270 19.33 -14.91 21.30
C LEU A 270 19.32 -15.38 19.84
N THR A 271 19.08 -16.71 19.63
CA THR A 271 18.97 -17.39 18.34
C THR A 271 17.89 -18.46 18.42
N LEU A 272 16.91 -18.38 17.50
CA LEU A 272 15.77 -19.29 17.39
C LEU A 272 15.91 -20.13 16.12
N ARG A 273 15.31 -21.35 16.12
CA ARG A 273 15.31 -22.26 14.96
C ARG A 273 14.06 -23.12 14.94
N TRP A 274 13.43 -23.28 13.75
CA TRP A 274 12.21 -24.07 13.60
C TRP A 274 12.43 -25.58 13.86
N MET B 1 1.76 21.57 0.99
CA MET B 1 1.58 21.21 2.40
C MET B 1 1.76 19.68 2.63
N ILE B 2 2.41 19.34 3.77
CA ILE B 2 2.64 17.95 4.16
C ILE B 2 1.33 17.25 4.45
N GLN B 3 1.10 16.23 3.64
CA GLN B 3 -0.02 15.32 3.79
C GLN B 3 0.63 13.95 3.84
N ARG B 4 0.49 13.29 4.98
CA ARG B 4 1.10 11.98 5.17
C ARG B 4 0.06 10.97 5.59
N THR B 5 0.08 9.84 4.86
CA THR B 5 -0.84 8.72 4.96
C THR B 5 -0.60 7.85 6.19
N PRO B 6 -1.68 7.60 6.96
CA PRO B 6 -1.53 6.75 8.16
C PRO B 6 -1.08 5.33 7.87
N LYS B 7 -0.40 4.71 8.83
CA LYS B 7 0.08 3.34 8.76
C LYS B 7 -0.57 2.57 9.92
N ILE B 8 -1.73 1.99 9.62
CA ILE B 8 -2.56 1.20 10.55
C ILE B 8 -1.90 -0.17 10.81
N GLN B 9 -2.16 -0.76 11.98
CA GLN B 9 -1.61 -2.05 12.33
C GLN B 9 -2.41 -2.66 13.49
N VAL B 10 -3.53 -3.41 13.20
CA VAL B 10 -4.38 -4.12 14.20
C VAL B 10 -3.65 -5.34 14.82
N TYR B 11 -3.63 -5.44 16.14
CA TYR B 11 -2.97 -6.55 16.82
C TYR B 11 -3.48 -6.77 18.21
N SER B 12 -2.91 -7.74 18.89
CA SER B 12 -3.32 -8.13 20.23
C SER B 12 -2.19 -7.85 21.22
N ARG B 13 -2.52 -7.43 22.47
CA ARG B 13 -1.51 -7.16 23.53
C ARG B 13 -0.81 -8.44 23.96
N HIS B 14 -1.55 -9.53 23.88
CA HIS B 14 -1.10 -10.86 24.25
C HIS B 14 -1.44 -11.81 23.11
N PRO B 15 -0.85 -13.03 23.05
CA PRO B 15 -1.11 -13.91 21.91
C PRO B 15 -2.58 -14.26 21.70
N ALA B 16 -3.00 -14.23 20.42
CA ALA B 16 -4.34 -14.51 19.94
C ALA B 16 -4.86 -15.91 20.34
N GLU B 17 -5.55 -15.97 21.52
CA GLU B 17 -6.13 -17.18 22.12
C GLU B 17 -7.67 -17.06 22.33
N ASN B 18 -8.48 -17.86 21.56
CA ASN B 18 -9.94 -17.89 21.57
C ASN B 18 -10.53 -17.82 22.97
N GLY B 19 -11.42 -16.85 23.18
CA GLY B 19 -12.06 -16.58 24.46
C GLY B 19 -11.07 -16.34 25.60
N LYS B 20 -10.60 -15.06 25.74
CA LYS B 20 -9.66 -14.60 26.78
C LYS B 20 -9.78 -13.09 27.12
N SER B 21 -9.30 -12.70 28.31
CA SER B 21 -9.29 -11.32 28.79
C SER B 21 -8.10 -10.53 28.15
N ASN B 22 -8.20 -10.27 26.81
CA ASN B 22 -7.15 -9.58 26.04
C ASN B 22 -7.55 -8.22 25.45
N PHE B 23 -6.57 -7.46 24.90
CA PHE B 23 -6.80 -6.14 24.31
C PHE B 23 -6.58 -6.07 22.84
N LEU B 24 -7.59 -5.54 22.14
CA LEU B 24 -7.48 -5.35 20.71
C LEU B 24 -6.88 -3.97 20.55
N ASN B 25 -5.66 -3.92 19.96
CA ASN B 25 -4.93 -2.71 19.65
C ASN B 25 -4.97 -2.41 18.18
N CYS B 26 -4.99 -1.13 17.89
CA CYS B 26 -4.91 -0.59 16.55
C CYS B 26 -3.99 0.63 16.70
N TYR B 27 -2.86 0.60 15.95
CA TYR B 27 -1.79 1.57 16.00
C TYR B 27 -1.60 2.32 14.70
N VAL B 28 -2.10 3.55 14.67
CA VAL B 28 -1.93 4.46 13.52
C VAL B 28 -0.66 5.34 13.75
N SER B 29 0.19 5.43 12.71
CA SER B 29 1.46 6.17 12.74
C SER B 29 1.82 6.75 11.36
N GLY B 30 3.02 7.31 11.21
CA GLY B 30 3.48 7.90 9.96
C GLY B 30 2.59 8.94 9.30
N PHE B 31 1.51 9.43 10.03
CA PHE B 31 0.52 10.43 9.55
C PHE B 31 0.73 11.86 9.94
N HIS B 32 0.17 12.74 9.12
CA HIS B 32 0.21 14.17 9.27
C HIS B 32 -0.76 14.79 8.24
N PRO B 33 -1.68 15.72 8.61
CA PRO B 33 -1.99 16.32 9.92
C PRO B 33 -2.40 15.42 11.07
N SER B 34 -2.54 16.02 12.24
CA SER B 34 -2.86 15.36 13.50
C SER B 34 -4.24 14.76 13.49
N ASP B 35 -5.22 15.50 12.94
CA ASP B 35 -6.60 15.04 12.94
C ASP B 35 -6.90 13.74 12.24
N ILE B 36 -7.20 12.74 13.07
CA ILE B 36 -7.54 11.42 12.64
C ILE B 36 -8.83 10.94 13.28
N GLU B 37 -9.52 10.06 12.52
CA GLU B 37 -10.75 9.33 12.87
C GLU B 37 -10.34 7.85 12.92
N VAL B 38 -10.40 7.23 14.12
CA VAL B 38 -10.03 5.81 14.29
C VAL B 38 -11.07 5.10 15.09
N ASP B 39 -11.57 3.99 14.53
CA ASP B 39 -12.61 3.12 15.07
C ASP B 39 -12.23 1.64 15.10
N LEU B 40 -12.65 0.96 16.18
CA LEU B 40 -12.54 -0.49 16.33
C LEU B 40 -13.91 -1.07 15.95
N LEU B 41 -13.90 -2.20 15.20
CA LEU B 41 -15.14 -2.82 14.70
C LEU B 41 -15.24 -4.31 15.07
N LYS B 42 -16.48 -4.77 15.38
CA LYS B 42 -16.83 -6.18 15.65
C LYS B 42 -17.89 -6.47 14.61
N ASN B 43 -17.49 -7.14 13.53
CA ASN B 43 -18.33 -7.44 12.38
C ASN B 43 -19.03 -6.18 11.85
N GLY B 44 -18.24 -5.28 11.26
CA GLY B 44 -18.69 -4.03 10.66
C GLY B 44 -19.48 -3.08 11.55
N GLU B 45 -19.53 -3.36 12.87
CA GLU B 45 -20.25 -2.52 13.83
C GLU B 45 -19.38 -2.04 14.99
N ARG B 46 -19.32 -0.71 15.08
CA ARG B 46 -18.56 0.17 15.98
C ARG B 46 -18.43 -0.24 17.45
N ILE B 47 -17.23 -0.69 17.87
CA ILE B 47 -16.94 -1.06 19.27
C ILE B 47 -16.96 0.21 20.11
N GLU B 48 -17.74 0.22 21.20
CA GLU B 48 -17.85 1.39 22.08
C GLU B 48 -16.98 1.22 23.33
N LYS B 49 -16.52 2.37 23.91
CA LYS B 49 -15.59 2.48 25.06
C LYS B 49 -14.14 2.20 24.65
N VAL B 50 -13.84 2.50 23.36
CA VAL B 50 -12.50 2.40 22.76
C VAL B 50 -11.70 3.61 23.23
N GLU B 51 -10.58 3.35 23.92
CA GLU B 51 -9.67 4.36 24.47
C GLU B 51 -8.47 4.67 23.54
N HIS B 52 -7.79 5.83 23.74
CA HIS B 52 -6.63 6.20 22.95
C HIS B 52 -5.53 6.86 23.74
N SER B 53 -4.31 6.82 23.21
CA SER B 53 -3.09 7.36 23.83
C SER B 53 -3.05 8.87 23.61
N ASP B 54 -2.07 9.54 24.26
CA ASP B 54 -1.93 10.98 24.07
C ASP B 54 -1.20 11.35 22.79
N LEU B 55 -1.74 12.28 22.01
CA LEU B 55 -1.08 12.66 20.77
C LEU B 55 0.37 12.97 20.93
N SER B 56 1.22 12.15 20.25
CA SER B 56 2.68 12.30 20.22
C SER B 56 3.13 12.23 18.79
N PHE B 57 4.45 12.32 18.58
CA PHE B 57 5.11 12.19 17.27
C PHE B 57 6.56 11.67 17.32
N SER B 58 7.13 11.51 16.11
CA SER B 58 8.46 11.01 15.83
C SER B 58 9.33 12.16 15.36
N LYS B 59 10.68 11.94 15.31
CA LYS B 59 11.72 12.90 14.87
C LYS B 59 11.31 13.48 13.54
N ASP B 60 10.69 12.62 12.80
CA ASP B 60 10.09 12.69 11.50
C ASP B 60 8.99 13.76 11.40
N TRP B 61 8.32 14.10 12.54
CA TRP B 61 7.18 15.01 12.71
C TRP B 61 5.78 14.34 12.50
N SER B 62 5.77 13.03 12.18
CA SER B 62 4.58 12.23 11.93
C SER B 62 3.92 11.74 13.21
N PHE B 63 2.63 12.06 13.37
CA PHE B 63 1.88 11.68 14.57
C PHE B 63 1.71 10.20 14.79
N TYR B 64 1.44 9.81 16.04
CA TYR B 64 1.21 8.42 16.38
C TYR B 64 0.31 8.20 17.59
N LEU B 65 -0.79 7.46 17.32
CA LEU B 65 -1.77 7.08 18.34
C LEU B 65 -1.96 5.60 18.40
N LEU B 66 -2.25 5.13 19.62
CA LEU B 66 -2.60 3.77 19.89
C LEU B 66 -4.02 3.80 20.49
N TYR B 67 -5.03 3.27 19.74
CA TYR B 67 -6.43 3.09 20.14
C TYR B 67 -6.57 1.63 20.59
N TYR B 68 -7.13 1.41 21.80
CA TYR B 68 -7.21 0.09 22.44
C TYR B 68 -8.47 -0.13 23.28
N THR B 69 -9.08 -1.33 23.17
CA THR B 69 -10.26 -1.76 23.94
C THR B 69 -10.00 -3.13 24.58
N GLU B 70 -10.59 -3.40 25.77
CA GLU B 70 -10.50 -4.70 26.43
C GLU B 70 -11.50 -5.60 25.68
N PHE B 71 -11.08 -6.83 25.27
CA PHE B 71 -11.92 -7.74 24.48
C PHE B 71 -11.68 -9.25 24.67
N THR B 72 -12.57 -10.06 24.06
CA THR B 72 -12.54 -11.51 24.06
C THR B 72 -12.82 -12.05 22.64
N PRO B 73 -11.92 -12.90 22.09
CA PRO B 73 -12.09 -13.38 20.71
C PRO B 73 -12.85 -14.71 20.50
N THR B 74 -13.40 -14.86 19.28
CA THR B 74 -14.16 -16.03 18.80
C THR B 74 -13.74 -16.28 17.35
N GLU B 75 -13.86 -17.55 16.84
CA GLU B 75 -13.51 -17.87 15.44
C GLU B 75 -14.52 -17.17 14.51
N LYS B 76 -15.81 -17.13 14.95
CA LYS B 76 -16.94 -16.54 14.25
C LYS B 76 -16.90 -15.02 14.05
N ASP B 77 -16.25 -14.26 14.98
CA ASP B 77 -16.20 -12.79 14.91
C ASP B 77 -15.03 -12.13 14.16
N GLU B 78 -15.37 -11.38 13.09
CA GLU B 78 -14.46 -10.61 12.23
C GLU B 78 -14.17 -9.25 12.91
N TYR B 79 -12.93 -9.08 13.42
CA TYR B 79 -12.45 -7.86 14.09
C TYR B 79 -11.59 -7.06 13.15
N ALA B 80 -11.82 -5.74 13.11
CA ALA B 80 -11.05 -4.87 12.25
C ALA B 80 -10.78 -3.48 12.87
N CYS B 81 -10.59 -2.46 12.00
CA CYS B 81 -10.32 -1.09 12.38
C CYS B 81 -10.51 -0.13 11.20
N ARG B 82 -11.43 0.83 11.38
CA ARG B 82 -11.73 1.86 10.39
C ARG B 82 -10.92 3.10 10.77
N VAL B 83 -10.41 3.81 9.76
CA VAL B 83 -9.57 4.98 9.91
C VAL B 83 -9.87 6.00 8.80
N ASN B 84 -10.22 7.25 9.13
CA ASN B 84 -10.28 8.23 8.03
C ASN B 84 -9.31 9.38 8.29
N HIS B 85 -8.71 9.85 7.19
CA HIS B 85 -7.77 10.95 7.15
C HIS B 85 -8.08 11.78 5.90
N VAL B 86 -7.39 12.92 5.76
CA VAL B 86 -7.48 13.80 4.60
C VAL B 86 -6.83 13.02 3.45
N THR B 87 -5.74 12.27 3.76
CA THR B 87 -4.99 11.44 2.82
C THR B 87 -5.81 10.26 2.30
N LEU B 88 -6.88 9.90 3.05
CA LEU B 88 -7.81 8.83 2.71
C LEU B 88 -9.06 9.37 2.11
N SER B 89 -9.20 9.00 0.82
CA SER B 89 -10.28 9.23 -0.15
C SER B 89 -11.66 8.81 0.44
N GLN B 90 -11.65 7.68 1.21
CA GLN B 90 -12.76 7.08 1.95
C GLN B 90 -12.21 6.16 3.07
N PRO B 91 -12.98 5.93 4.17
CA PRO B 91 -12.46 5.11 5.29
C PRO B 91 -11.84 3.77 4.93
N LYS B 92 -10.60 3.56 5.41
CA LYS B 92 -9.76 2.36 5.24
C LYS B 92 -9.95 1.43 6.46
N ILE B 93 -10.63 0.29 6.21
CA ILE B 93 -10.92 -0.77 7.20
C ILE B 93 -9.83 -1.82 7.04
N VAL B 94 -9.19 -2.21 8.16
CA VAL B 94 -8.08 -3.16 8.14
C VAL B 94 -8.38 -4.31 9.07
N LYS B 95 -8.51 -5.50 8.47
CA LYS B 95 -8.84 -6.74 9.17
C LYS B 95 -7.77 -7.22 10.16
N TRP B 96 -8.19 -7.55 11.39
CA TRP B 96 -7.29 -8.10 12.39
C TRP B 96 -6.85 -9.47 11.91
N ASP B 97 -5.56 -9.76 12.06
CA ASP B 97 -4.99 -11.07 11.73
C ASP B 97 -4.43 -11.61 13.02
N ARG B 98 -4.84 -12.82 13.41
CA ARG B 98 -4.43 -13.42 14.67
C ARG B 98 -2.92 -13.58 14.81
N ASP B 99 -2.23 -13.79 13.66
CA ASP B 99 -0.77 -13.99 13.58
C ASP B 99 -0.02 -12.89 12.78
N MET B 100 -0.32 -11.62 13.11
CA MET B 100 0.28 -10.42 12.54
C MET B 100 0.25 -9.23 13.51
N GLY C 1 10.71 18.06 34.01
CA GLY C 1 10.24 19.43 34.04
C GLY C 1 10.39 20.16 32.71
N THR C 2 9.29 20.82 32.26
CA THR C 2 9.18 21.65 31.06
C THR C 2 10.03 22.93 31.17
N SER C 3 10.25 23.60 30.03
CA SER C 3 10.93 24.89 30.04
C SER C 3 9.89 26.01 30.28
N GLY C 4 10.23 26.99 31.15
CA GLY C 4 9.40 28.16 31.50
C GLY C 4 9.69 29.31 30.55
N SER C 5 9.95 30.59 31.04
CA SER C 5 10.43 31.62 30.08
C SER C 5 11.84 31.07 29.64
N PRO C 6 12.40 31.34 28.40
CA PRO C 6 11.99 32.26 27.29
C PRO C 6 10.50 32.51 26.90
N ILE C 7 9.99 31.66 25.98
CA ILE C 7 8.69 31.70 25.33
C ILE C 7 8.61 33.03 24.51
N VAL C 8 9.61 33.21 23.59
CA VAL C 8 9.73 34.38 22.71
C VAL C 8 8.84 34.15 21.46
N ASN C 9 8.09 35.19 21.08
CA ASN C 9 7.20 35.04 19.94
C ASN C 9 7.93 34.85 18.61
N ARG C 10 7.48 33.85 17.82
CA ARG C 10 7.99 33.53 16.47
C ARG C 10 7.66 34.67 15.51
N GLY D 1 40.30 -6.11 -9.97
CA GLY D 1 41.17 -6.11 -8.79
C GLY D 1 41.63 -7.49 -8.34
N SER D 2 40.79 -8.18 -7.52
CA SER D 2 40.96 -9.56 -7.01
C SER D 2 40.07 -10.47 -7.87
N HIS D 3 40.65 -11.57 -8.43
CA HIS D 3 39.94 -12.44 -9.36
C HIS D 3 39.65 -13.89 -8.92
N SER D 4 38.76 -14.53 -9.67
CA SER D 4 38.22 -15.86 -9.44
C SER D 4 37.97 -16.66 -10.74
N MET D 5 38.13 -18.00 -10.66
CA MET D 5 37.78 -18.89 -11.78
C MET D 5 36.97 -20.01 -11.18
N ARG D 6 35.81 -20.31 -11.77
CA ARG D 6 34.95 -21.34 -11.22
C ARG D 6 34.23 -22.19 -12.24
N TYR D 7 34.16 -23.49 -11.94
CA TYR D 7 33.48 -24.48 -12.78
C TYR D 7 32.26 -25.00 -12.06
N PHE D 8 31.18 -25.19 -12.83
CA PHE D 8 29.88 -25.69 -12.34
C PHE D 8 29.49 -26.82 -13.26
N TYR D 9 29.37 -28.01 -12.68
CA TYR D 9 29.01 -29.22 -13.42
C TYR D 9 27.67 -29.71 -12.91
N THR D 10 26.76 -30.09 -13.82
CA THR D 10 25.45 -30.64 -13.47
C THR D 10 25.16 -31.94 -14.20
N SER D 11 25.10 -33.02 -13.43
CA SER D 11 24.82 -34.35 -13.96
C SER D 11 23.39 -34.72 -13.56
N VAL D 12 22.48 -34.84 -14.56
CA VAL D 12 21.06 -35.17 -14.36
C VAL D 12 20.61 -36.55 -14.85
N SER D 13 20.23 -37.43 -13.89
CA SER D 13 19.77 -38.81 -14.12
C SER D 13 18.39 -38.73 -14.70
N ARG D 14 18.21 -39.23 -15.92
CA ARG D 14 16.92 -39.21 -16.61
C ARG D 14 16.52 -40.65 -16.96
N PRO D 15 15.91 -41.38 -15.99
CA PRO D 15 15.58 -42.79 -16.23
C PRO D 15 14.55 -42.91 -17.32
N GLY D 16 14.74 -43.94 -18.14
CA GLY D 16 13.90 -44.18 -19.29
C GLY D 16 14.47 -43.42 -20.47
N ARG D 17 14.40 -42.06 -20.41
CA ARG D 17 14.90 -41.08 -21.41
C ARG D 17 16.38 -41.27 -21.90
N GLY D 18 17.06 -42.32 -21.43
CA GLY D 18 18.42 -42.65 -21.83
C GLY D 18 19.49 -42.35 -20.80
N GLU D 19 20.75 -42.22 -21.29
CA GLU D 19 21.93 -41.94 -20.47
C GLU D 19 21.88 -40.52 -19.88
N PRO D 20 22.29 -40.32 -18.59
CA PRO D 20 22.23 -38.99 -17.97
C PRO D 20 22.81 -37.82 -18.76
N ARG D 21 22.30 -36.63 -18.43
CA ARG D 21 22.78 -35.42 -19.06
C ARG D 21 23.73 -34.68 -18.14
N PHE D 22 24.90 -34.39 -18.68
CA PHE D 22 25.96 -33.66 -18.04
C PHE D 22 26.15 -32.33 -18.79
N ILE D 23 26.18 -31.25 -17.99
CA ILE D 23 26.46 -29.88 -18.41
C ILE D 23 27.60 -29.37 -17.54
N ALA D 24 28.59 -28.70 -18.16
CA ALA D 24 29.70 -28.10 -17.46
C ALA D 24 29.91 -26.71 -18.01
N VAL D 25 29.98 -25.71 -17.10
CA VAL D 25 30.26 -24.30 -17.45
C VAL D 25 31.41 -23.71 -16.64
N GLY D 26 32.22 -22.93 -17.34
CA GLY D 26 33.39 -22.31 -16.77
C GLY D 26 33.28 -20.80 -16.83
N TYR D 27 33.64 -20.17 -15.71
CA TYR D 27 33.63 -18.73 -15.58
C TYR D 27 34.92 -18.20 -15.02
N VAL D 28 35.25 -16.99 -15.46
CA VAL D 28 36.30 -16.17 -14.85
C VAL D 28 35.55 -14.94 -14.40
N ASP D 29 35.48 -14.78 -13.05
CA ASP D 29 34.73 -13.73 -12.39
C ASP D 29 33.28 -13.90 -12.82
N ASP D 30 32.70 -12.89 -13.51
CA ASP D 30 31.32 -12.93 -13.95
C ASP D 30 31.18 -13.16 -15.46
N THR D 31 32.23 -13.74 -16.08
CA THR D 31 32.22 -14.03 -17.52
C THR D 31 32.31 -15.54 -17.77
N GLN D 32 31.31 -16.11 -18.54
CA GLN D 32 31.38 -17.54 -18.88
C GLN D 32 32.27 -17.63 -20.08
N PHE D 33 33.26 -18.52 -20.06
CA PHE D 33 34.19 -18.67 -21.18
C PHE D 33 34.16 -20.03 -21.88
N VAL D 34 33.63 -21.09 -21.19
CA VAL D 34 33.55 -22.44 -21.76
C VAL D 34 32.27 -23.17 -21.39
N ARG D 35 31.87 -24.18 -22.21
CA ARG D 35 30.70 -25.05 -21.97
C ARG D 35 30.89 -26.48 -22.51
N PHE D 36 30.17 -27.42 -21.90
CA PHE D 36 30.13 -28.80 -22.36
C PHE D 36 28.77 -29.39 -22.13
N ASP D 37 28.14 -29.90 -23.19
CA ASP D 37 26.83 -30.54 -23.11
C ASP D 37 26.89 -31.99 -23.60
N SER D 38 26.49 -32.92 -22.70
CA SER D 38 26.48 -34.35 -22.99
C SER D 38 25.64 -34.60 -24.25
N ASP D 39 24.52 -33.87 -24.38
CA ASP D 39 23.55 -33.92 -25.46
C ASP D 39 23.90 -33.15 -26.72
N ALA D 40 24.93 -32.30 -26.68
CA ALA D 40 25.28 -31.54 -27.88
C ALA D 40 26.03 -32.37 -28.95
N ALA D 41 25.91 -31.90 -30.20
CA ALA D 41 26.48 -32.52 -31.40
C ALA D 41 27.95 -32.79 -31.27
N SER D 42 28.74 -31.68 -31.09
CA SER D 42 30.19 -31.52 -30.96
C SER D 42 30.97 -32.54 -30.12
N GLN D 43 30.50 -32.80 -28.88
CA GLN D 43 31.20 -33.69 -27.95
C GLN D 43 32.65 -33.18 -27.73
N ARG D 44 32.76 -31.85 -27.45
CA ARG D 44 33.94 -31.03 -27.20
C ARG D 44 33.61 -29.88 -26.26
N MET D 45 34.64 -29.34 -25.57
CA MET D 45 34.47 -28.12 -24.76
C MET D 45 34.32 -26.99 -25.81
N GLU D 46 33.43 -26.06 -25.57
CA GLU D 46 33.22 -25.01 -26.58
C GLU D 46 33.51 -23.63 -26.03
N PRO D 47 34.18 -22.77 -26.83
CA PRO D 47 34.48 -21.43 -26.33
C PRO D 47 33.23 -20.60 -26.28
N ARG D 48 33.02 -19.88 -25.19
CA ARG D 48 31.85 -19.05 -24.96
C ARG D 48 32.32 -17.64 -24.63
N ALA D 49 33.54 -17.26 -25.08
CA ALA D 49 34.16 -15.95 -24.88
C ALA D 49 35.39 -15.84 -25.78
N PRO D 50 35.51 -14.72 -26.50
CA PRO D 50 36.63 -14.56 -27.46
C PRO D 50 38.07 -14.84 -27.01
N TRP D 51 38.43 -14.48 -25.76
CA TRP D 51 39.81 -14.68 -25.32
C TRP D 51 40.25 -16.11 -25.29
N ILE D 52 39.30 -17.05 -25.03
CA ILE D 52 39.57 -18.49 -24.98
C ILE D 52 39.68 -19.11 -26.37
N GLU D 53 39.28 -18.35 -27.39
CA GLU D 53 39.36 -18.80 -28.78
C GLU D 53 40.80 -18.87 -29.23
N GLN D 54 41.69 -18.14 -28.54
CA GLN D 54 43.11 -18.22 -28.88
C GLN D 54 43.82 -19.48 -28.38
N GLU D 55 43.12 -20.36 -27.60
CA GLU D 55 43.69 -21.62 -27.14
C GLU D 55 43.76 -22.63 -28.29
N GLY D 56 44.88 -23.34 -28.38
CA GLY D 56 45.11 -24.35 -29.41
C GLY D 56 44.32 -25.63 -29.27
N PRO D 57 44.47 -26.60 -30.22
CA PRO D 57 43.63 -27.81 -30.18
C PRO D 57 43.95 -28.79 -29.08
N GLU D 58 45.22 -28.77 -28.60
CA GLU D 58 45.54 -29.64 -27.49
C GLU D 58 44.74 -29.20 -26.24
N TYR D 59 44.54 -27.85 -26.06
CA TYR D 59 43.77 -27.31 -24.94
C TYR D 59 42.40 -27.97 -24.93
N TRP D 60 41.72 -27.86 -26.08
CA TRP D 60 40.37 -28.35 -26.34
C TRP D 60 40.25 -29.85 -26.21
N ASP D 61 41.29 -30.60 -26.67
CA ASP D 61 41.29 -32.04 -26.55
C ASP D 61 41.27 -32.41 -25.06
N GLN D 62 42.23 -31.86 -24.31
CA GLN D 62 42.42 -32.15 -22.90
C GLN D 62 41.27 -31.67 -22.04
N GLU D 63 40.72 -30.50 -22.39
CA GLU D 63 39.57 -29.95 -21.66
C GLU D 63 38.40 -30.88 -21.82
N THR D 64 38.19 -31.39 -23.05
CA THR D 64 37.13 -32.36 -23.33
C THR D 64 37.39 -33.66 -22.58
N ARG D 65 38.60 -34.26 -22.72
CA ARG D 65 38.99 -35.51 -22.05
C ARG D 65 38.47 -35.44 -20.60
N ASN D 66 38.79 -34.29 -19.93
CA ASN D 66 38.45 -33.95 -18.55
C ASN D 66 37.02 -34.06 -18.19
N VAL D 67 36.15 -33.30 -18.87
CA VAL D 67 34.73 -33.31 -18.61
C VAL D 67 34.07 -34.64 -18.85
N LYS D 68 34.31 -35.23 -20.04
CA LYS D 68 33.80 -36.56 -20.42
C LYS D 68 34.18 -37.53 -19.29
N ALA D 69 35.41 -37.44 -18.80
CA ALA D 69 35.86 -38.30 -17.72
C ALA D 69 34.98 -38.16 -16.49
N GLN D 70 34.59 -36.92 -16.15
CA GLN D 70 33.75 -36.64 -15.00
C GLN D 70 32.32 -37.03 -15.31
N SER D 71 31.87 -36.75 -16.55
CA SER D 71 30.51 -37.07 -16.97
C SER D 71 30.27 -38.57 -16.72
N GLN D 72 31.32 -39.39 -17.01
CA GLN D 72 31.30 -40.83 -16.80
C GLN D 72 31.29 -41.23 -15.34
N THR D 73 32.01 -40.48 -14.51
CA THR D 73 32.08 -40.75 -13.08
C THR D 73 30.71 -40.54 -12.43
N ASP D 74 30.01 -39.46 -12.81
CA ASP D 74 28.72 -39.17 -12.24
C ASP D 74 27.72 -40.22 -12.71
N ARG D 75 27.83 -40.64 -13.99
CA ARG D 75 27.01 -41.71 -14.53
C ARG D 75 27.07 -42.94 -13.59
N VAL D 76 28.26 -43.33 -13.15
CA VAL D 76 28.40 -44.47 -12.24
C VAL D 76 28.01 -44.10 -10.79
N ASP D 77 28.51 -42.94 -10.29
CA ASP D 77 28.26 -42.37 -8.96
C ASP D 77 26.76 -42.13 -8.64
N LEU D 78 25.94 -41.91 -9.69
CA LEU D 78 24.50 -41.72 -9.56
C LEU D 78 23.92 -43.05 -9.03
N GLY D 79 24.35 -44.18 -9.58
CA GLY D 79 23.96 -45.50 -9.13
C GLY D 79 24.36 -45.70 -7.67
N THR D 80 25.65 -45.49 -7.35
CA THR D 80 26.18 -45.63 -5.99
C THR D 80 25.26 -44.88 -5.01
N LEU D 81 25.03 -43.59 -5.29
CA LEU D 81 24.22 -42.69 -4.46
C LEU D 81 22.79 -43.14 -4.23
N ARG D 82 22.09 -43.63 -5.29
CA ARG D 82 20.75 -44.21 -5.20
C ARG D 82 20.77 -45.28 -4.10
N GLY D 83 21.68 -46.24 -4.23
CA GLY D 83 21.86 -47.32 -3.27
C GLY D 83 22.26 -46.86 -1.89
N TYR D 84 23.00 -45.73 -1.80
CA TYR D 84 23.47 -45.20 -0.52
C TYR D 84 22.28 -44.87 0.34
N TYR D 85 21.43 -43.98 -0.21
CA TYR D 85 20.19 -43.49 0.37
C TYR D 85 19.01 -44.46 0.26
N ASN D 86 19.22 -45.62 -0.41
CA ASN D 86 18.28 -46.71 -0.66
C ASN D 86 17.09 -46.14 -1.44
N GLN D 87 17.27 -45.85 -2.75
CA GLN D 87 16.25 -45.24 -3.60
C GLN D 87 15.95 -45.99 -4.93
N SER D 88 14.68 -45.93 -5.37
CA SER D 88 14.14 -46.55 -6.59
C SER D 88 14.88 -46.14 -7.86
N GLU D 89 14.86 -47.06 -8.83
CA GLU D 89 15.48 -46.90 -10.15
C GLU D 89 14.80 -45.85 -11.03
N ASP D 90 13.47 -45.70 -10.94
CA ASP D 90 12.73 -44.75 -11.77
C ASP D 90 12.96 -43.27 -11.42
N GLY D 91 13.46 -43.00 -10.21
CA GLY D 91 13.72 -41.64 -9.74
C GLY D 91 14.79 -40.87 -10.51
N SER D 92 14.48 -39.61 -10.92
CA SER D 92 15.43 -38.73 -11.62
C SER D 92 16.26 -37.93 -10.58
N HIS D 93 17.62 -38.03 -10.68
CA HIS D 93 18.53 -37.36 -9.74
C HIS D 93 19.57 -36.39 -10.32
N THR D 94 20.16 -35.58 -9.42
CA THR D 94 21.07 -34.49 -9.74
C THR D 94 22.30 -34.47 -8.88
N ILE D 95 23.48 -34.47 -9.52
CA ILE D 95 24.79 -34.32 -8.88
C ILE D 95 25.40 -32.99 -9.38
N GLN D 96 25.77 -32.11 -8.42
CA GLN D 96 26.41 -30.85 -8.77
C GLN D 96 27.74 -30.69 -8.05
N ILE D 97 28.72 -30.19 -8.80
CA ILE D 97 30.08 -29.93 -8.34
C ILE D 97 30.31 -28.44 -8.66
N MET D 98 30.82 -27.74 -7.67
CA MET D 98 31.20 -26.35 -7.76
C MET D 98 32.63 -26.31 -7.24
N TYR D 99 33.57 -25.87 -8.10
CA TYR D 99 34.99 -25.77 -7.74
C TYR D 99 35.68 -24.57 -8.38
N GLY D 100 36.76 -24.11 -7.77
CA GLY D 100 37.46 -22.96 -8.31
C GLY D 100 38.57 -22.41 -7.44
N CYS D 101 39.24 -21.36 -7.91
CA CYS D 101 40.30 -20.72 -7.15
C CYS D 101 40.19 -19.20 -7.23
N ASP D 102 40.66 -18.50 -6.17
CA ASP D 102 40.68 -17.03 -6.07
C ASP D 102 42.09 -16.46 -5.99
N VAL D 103 42.37 -15.44 -6.80
CA VAL D 103 43.68 -14.80 -6.76
C VAL D 103 43.58 -13.34 -6.36
N GLY D 104 44.64 -12.84 -5.71
CA GLY D 104 44.75 -11.44 -5.31
C GLY D 104 45.23 -10.61 -6.48
N PRO D 105 45.36 -9.27 -6.34
CA PRO D 105 45.81 -8.43 -7.47
C PRO D 105 47.30 -8.64 -7.78
N ASP D 106 47.99 -9.27 -6.84
CA ASP D 106 49.38 -9.70 -6.96
C ASP D 106 49.42 -10.84 -7.99
N GLY D 107 48.32 -11.61 -8.03
CA GLY D 107 48.14 -12.76 -8.90
C GLY D 107 48.28 -14.07 -8.14
N ARG D 108 48.76 -13.98 -6.90
CA ARG D 108 48.96 -15.15 -6.06
C ARG D 108 47.62 -15.61 -5.47
N PHE D 109 47.59 -16.88 -5.06
CA PHE D 109 46.48 -17.63 -4.51
C PHE D 109 45.87 -17.00 -3.26
N LEU D 110 44.56 -17.22 -3.01
CA LEU D 110 43.87 -16.73 -1.81
C LEU D 110 43.14 -17.85 -1.14
N ARG D 111 42.27 -18.55 -1.90
CA ARG D 111 41.53 -19.71 -1.40
C ARG D 111 41.09 -20.64 -2.53
N GLY D 112 40.87 -21.89 -2.15
CA GLY D 112 40.41 -22.94 -3.03
C GLY D 112 39.04 -23.46 -2.64
N TYR D 113 38.27 -23.87 -3.64
CA TYR D 113 36.93 -24.41 -3.46
C TYR D 113 36.73 -25.72 -4.18
N ARG D 114 36.00 -26.62 -3.54
CA ARG D 114 35.49 -27.86 -4.10
C ARG D 114 34.42 -28.33 -3.16
N GLN D 115 33.19 -28.48 -3.74
CA GLN D 115 32.01 -28.98 -3.05
C GLN D 115 30.96 -29.59 -3.93
N ASP D 116 30.45 -30.71 -3.43
CA ASP D 116 29.46 -31.57 -4.05
C ASP D 116 28.07 -31.41 -3.43
N ALA D 117 27.05 -31.70 -4.26
CA ALA D 117 25.62 -31.64 -3.91
C ALA D 117 24.70 -32.68 -4.60
N TYR D 118 24.00 -33.51 -3.77
CA TYR D 118 23.03 -34.47 -4.30
C TYR D 118 21.58 -34.00 -4.15
N ASP D 119 20.88 -33.85 -5.30
CA ASP D 119 19.49 -33.38 -5.37
C ASP D 119 19.31 -32.00 -4.68
N GLY D 120 20.25 -31.07 -4.89
CA GLY D 120 20.19 -29.72 -4.32
C GLY D 120 20.67 -29.62 -2.88
N LYS D 121 20.84 -30.78 -2.22
CA LYS D 121 21.32 -30.81 -0.85
C LYS D 121 22.84 -30.91 -0.81
N ASP D 122 23.48 -30.08 0.04
CA ASP D 122 24.91 -30.09 0.32
C ASP D 122 25.30 -31.51 0.67
N TYR D 123 26.21 -32.11 -0.18
CA TYR D 123 26.70 -33.48 -0.02
C TYR D 123 28.05 -33.55 0.69
N ILE D 124 29.12 -33.05 0.05
CA ILE D 124 30.49 -33.07 0.62
C ILE D 124 31.22 -31.80 0.22
N ALA D 125 32.20 -31.42 1.02
CA ALA D 125 32.94 -30.22 0.70
C ALA D 125 34.36 -30.30 1.21
N LEU D 126 35.26 -29.64 0.47
CA LEU D 126 36.66 -29.58 0.82
C LEU D 126 36.82 -28.36 1.72
N ASN D 127 37.39 -28.58 2.92
CA ASN D 127 37.60 -27.53 3.94
C ASN D 127 38.59 -26.49 3.45
N GLU D 128 38.65 -25.31 4.12
CA GLU D 128 39.54 -24.19 3.75
C GLU D 128 40.99 -24.65 3.51
N ASP D 129 41.48 -25.59 4.34
CA ASP D 129 42.84 -26.12 4.31
C ASP D 129 43.16 -27.04 3.14
N LEU D 130 42.13 -27.48 2.38
CA LEU D 130 42.30 -28.39 1.22
C LEU D 130 43.17 -29.61 1.59
N ARG D 131 42.92 -30.17 2.77
CA ARG D 131 43.64 -31.30 3.33
C ARG D 131 42.63 -32.25 4.03
N SER D 132 41.36 -31.81 4.14
CA SER D 132 40.28 -32.55 4.77
C SER D 132 38.92 -32.24 4.17
N TRP D 133 37.99 -33.19 4.36
CA TRP D 133 36.63 -33.11 3.83
C TRP D 133 35.60 -33.01 4.93
N THR D 134 34.44 -32.44 4.59
CA THR D 134 33.30 -32.31 5.48
C THR D 134 32.09 -32.99 4.83
N ALA D 135 31.61 -34.05 5.49
CA ALA D 135 30.49 -34.88 5.07
C ALA D 135 29.20 -34.34 5.66
N ALA D 136 28.13 -34.37 4.86
CA ALA D 136 26.81 -33.91 5.30
C ALA D 136 26.05 -34.99 6.05
N ASP D 137 26.09 -36.25 5.58
CA ASP D 137 25.31 -37.30 6.22
C ASP D 137 25.94 -38.67 6.31
N MET D 138 25.07 -39.70 6.39
CA MET D 138 25.42 -41.12 6.46
C MET D 138 26.17 -41.50 5.19
N ALA D 139 25.55 -41.25 4.00
CA ALA D 139 26.13 -41.52 2.67
C ALA D 139 27.45 -40.78 2.48
N ALA D 140 27.40 -39.46 2.64
CA ALA D 140 28.55 -38.57 2.51
C ALA D 140 29.77 -38.97 3.36
N GLN D 141 29.58 -39.70 4.47
CA GLN D 141 30.72 -40.11 5.28
C GLN D 141 31.45 -41.26 4.59
N ILE D 142 30.68 -42.17 3.95
CA ILE D 142 31.24 -43.30 3.21
C ILE D 142 32.12 -42.81 2.07
N THR D 143 31.72 -41.70 1.42
CA THR D 143 32.48 -41.08 0.36
C THR D 143 33.70 -40.44 0.97
N LYS D 144 33.51 -39.65 2.04
CA LYS D 144 34.62 -38.98 2.76
C LYS D 144 35.71 -40.00 3.07
N ARG D 145 35.33 -41.11 3.75
CA ARG D 145 36.19 -42.23 4.13
C ARG D 145 36.88 -42.88 2.93
N LYS D 146 36.18 -42.93 1.77
CA LYS D 146 36.69 -43.46 0.51
C LYS D 146 37.78 -42.52 0.01
N TRP D 147 37.46 -41.22 -0.12
CA TRP D 147 38.37 -40.17 -0.58
C TRP D 147 39.57 -39.95 0.36
N GLU D 148 39.37 -40.29 1.64
CA GLU D 148 40.40 -40.21 2.66
C GLU D 148 41.49 -41.28 2.39
N ALA D 149 41.03 -42.48 1.98
CA ALA D 149 41.88 -43.61 1.65
C ALA D 149 42.67 -43.30 0.40
N ALA D 150 41.99 -42.64 -0.54
CA ALA D 150 42.48 -42.29 -1.85
C ALA D 150 43.39 -41.07 -1.88
N HIS D 151 43.54 -40.34 -0.77
CA HIS D 151 44.39 -39.14 -0.69
C HIS D 151 43.94 -38.07 -1.70
N ALA D 152 42.61 -38.03 -2.00
CA ALA D 152 42.06 -37.10 -2.96
C ALA D 152 42.38 -35.65 -2.59
N ALA D 153 42.26 -35.30 -1.29
CA ALA D 153 42.52 -33.95 -0.78
C ALA D 153 43.82 -33.35 -1.38
N GLU D 154 44.95 -34.10 -1.29
CA GLU D 154 46.28 -33.79 -1.81
C GLU D 154 46.21 -33.34 -3.26
N GLN D 155 45.52 -34.14 -4.10
CA GLN D 155 45.35 -33.89 -5.54
C GLN D 155 44.58 -32.59 -5.84
N GLN D 156 43.50 -32.33 -5.07
CA GLN D 156 42.66 -31.14 -5.19
C GLN D 156 43.46 -29.87 -4.81
N ARG D 157 44.18 -29.92 -3.65
CA ARG D 157 45.06 -28.86 -3.17
C ARG D 157 46.02 -28.52 -4.28
N ALA D 158 46.68 -29.55 -4.88
CA ALA D 158 47.62 -29.47 -5.99
C ALA D 158 47.09 -28.65 -7.19
N TYR D 159 45.82 -28.95 -7.62
CA TYR D 159 45.16 -28.26 -8.72
C TYR D 159 44.78 -26.83 -8.29
N LEU D 160 43.99 -26.75 -7.19
CA LEU D 160 43.44 -25.52 -6.64
C LEU D 160 44.47 -24.48 -6.35
N GLU D 161 45.60 -24.90 -5.77
CA GLU D 161 46.74 -24.05 -5.44
C GLU D 161 47.58 -23.78 -6.65
N GLY D 162 47.83 -24.78 -7.47
CA GLY D 162 48.71 -24.59 -8.63
C GLY D 162 48.08 -24.31 -9.97
N ARG D 163 47.74 -25.40 -10.67
CA ARG D 163 47.16 -25.36 -12.01
C ARG D 163 46.01 -24.35 -12.14
N CYS D 164 45.09 -24.37 -11.15
CA CYS D 164 43.92 -23.51 -11.11
C CYS D 164 44.29 -22.04 -11.19
N VAL D 165 45.27 -21.61 -10.38
CA VAL D 165 45.69 -20.21 -10.34
C VAL D 165 46.47 -19.83 -11.60
N GLU D 166 47.24 -20.80 -12.09
CA GLU D 166 48.07 -20.63 -13.24
C GLU D 166 47.16 -20.38 -14.46
N TRP D 167 46.05 -21.16 -14.56
CA TRP D 167 45.07 -20.98 -15.64
C TRP D 167 44.52 -19.55 -15.62
N LEU D 168 44.04 -19.11 -14.42
CA LEU D 168 43.51 -17.77 -14.11
C LEU D 168 44.40 -16.65 -14.57
N ARG D 169 45.68 -16.69 -14.10
CA ARG D 169 46.71 -15.72 -14.46
C ARG D 169 46.70 -15.58 -15.98
N ARG D 170 47.04 -16.68 -16.69
CA ARG D 170 47.10 -16.73 -18.15
C ARG D 170 45.83 -16.13 -18.79
N TYR D 171 44.64 -16.50 -18.25
CA TYR D 171 43.35 -16.02 -18.77
C TYR D 171 43.25 -14.50 -18.71
N LEU D 172 43.71 -13.92 -17.57
CA LEU D 172 43.71 -12.48 -17.33
C LEU D 172 44.63 -11.71 -18.27
N GLU D 173 45.87 -12.17 -18.49
CA GLU D 173 46.72 -11.47 -19.46
C GLU D 173 46.17 -11.59 -20.88
N ASN D 174 45.71 -12.79 -21.28
CA ASN D 174 45.15 -12.99 -22.62
C ASN D 174 43.79 -12.36 -22.85
N GLY D 175 43.07 -12.10 -21.78
CA GLY D 175 41.75 -11.51 -21.85
C GLY D 175 41.61 -10.21 -21.09
N LYS D 176 42.70 -9.41 -21.01
CA LYS D 176 42.70 -8.13 -20.29
C LYS D 176 41.54 -7.22 -20.66
N GLU D 177 41.52 -6.72 -21.90
CA GLU D 177 40.47 -5.82 -22.40
C GLU D 177 39.09 -6.16 -21.85
N THR D 178 38.74 -7.45 -21.90
CA THR D 178 37.48 -7.97 -21.43
C THR D 178 37.47 -8.12 -19.91
N LEU D 179 38.34 -8.96 -19.38
CA LEU D 179 38.38 -9.34 -17.96
C LEU D 179 38.71 -8.28 -16.89
N GLN D 180 39.74 -7.47 -17.15
CA GLN D 180 40.21 -6.44 -16.22
C GLN D 180 39.45 -5.11 -16.36
N ARG D 181 38.47 -5.05 -17.29
CA ARG D 181 37.57 -3.90 -17.49
C ARG D 181 36.63 -3.75 -16.28
N THR D 182 36.09 -2.53 -16.13
CA THR D 182 35.09 -2.15 -15.13
C THR D 182 34.08 -1.25 -15.85
N ASP D 183 32.88 -1.78 -16.08
CA ASP D 183 31.83 -1.03 -16.74
C ASP D 183 31.02 -0.34 -15.65
N PRO D 184 31.10 1.01 -15.57
CA PRO D 184 30.38 1.71 -14.49
C PRO D 184 28.91 1.78 -14.84
N PRO D 185 28.01 1.78 -13.84
CA PRO D 185 26.57 1.78 -14.16
C PRO D 185 26.05 3.05 -14.81
N LYS D 186 25.07 2.89 -15.71
CA LYS D 186 24.38 3.98 -16.39
C LYS D 186 23.14 4.22 -15.53
N THR D 187 23.22 5.28 -14.71
CA THR D 187 22.23 5.64 -13.68
C THR D 187 21.12 6.61 -14.01
N HIS D 188 19.88 6.18 -13.76
CA HIS D 188 18.69 7.01 -13.93
C HIS D 188 17.65 6.85 -12.82
N MET D 189 16.62 7.71 -12.83
CA MET D 189 15.53 7.71 -11.85
C MET D 189 14.18 7.93 -12.50
N THR D 190 13.18 7.25 -11.97
CA THR D 190 11.79 7.33 -12.45
C THR D 190 10.82 7.58 -11.30
N HIS D 191 9.76 8.35 -11.59
CA HIS D 191 8.72 8.72 -10.64
C HIS D 191 7.41 8.12 -11.11
N HIS D 192 6.89 7.20 -10.31
CA HIS D 192 5.67 6.49 -10.60
C HIS D 192 4.64 6.81 -9.53
N PRO D 193 3.70 7.73 -9.84
CA PRO D 193 2.72 8.15 -8.82
C PRO D 193 1.77 7.03 -8.43
N ILE D 194 1.66 6.73 -7.11
CA ILE D 194 0.76 5.69 -6.61
C ILE D 194 -0.64 6.30 -6.41
N SER D 195 -0.78 7.22 -5.42
CA SER D 195 -1.99 7.99 -5.10
C SER D 195 -1.63 9.49 -5.19
N ASP D 196 -2.51 10.37 -4.70
CA ASP D 196 -2.21 11.80 -4.71
C ASP D 196 -1.31 12.10 -3.52
N HIS D 197 -1.22 11.14 -2.57
CA HIS D 197 -0.48 11.21 -1.31
C HIS D 197 0.78 10.32 -1.26
N GLU D 198 0.92 9.40 -2.25
CA GLU D 198 2.07 8.48 -2.37
C GLU D 198 2.56 8.37 -3.79
N ALA D 199 3.82 7.90 -3.92
CA ALA D 199 4.51 7.68 -5.20
C ALA D 199 5.68 6.70 -5.00
N THR D 200 6.20 6.16 -6.11
CA THR D 200 7.35 5.25 -6.12
C THR D 200 8.47 5.93 -6.87
N LEU D 201 9.63 5.90 -6.23
CA LEU D 201 10.89 6.41 -6.72
C LEU D 201 11.71 5.17 -7.06
N ARG D 202 12.05 4.98 -8.35
CA ARG D 202 12.82 3.81 -8.78
C ARG D 202 14.21 4.21 -9.23
N CYS D 203 15.24 3.55 -8.67
CA CYS D 203 16.61 3.85 -8.99
C CYS D 203 17.17 2.78 -9.89
N TRP D 204 17.57 3.13 -11.10
CA TRP D 204 18.07 2.18 -12.09
C TRP D 204 19.58 2.19 -12.22
N ALA D 205 20.20 0.98 -12.22
CA ALA D 205 21.63 0.74 -12.44
C ALA D 205 21.72 -0.21 -13.65
N LEU D 206 22.26 0.31 -14.77
CA LEU D 206 22.31 -0.40 -16.04
C LEU D 206 23.69 -0.46 -16.70
N GLY D 207 23.96 -1.59 -17.39
CA GLY D 207 25.17 -1.87 -18.16
C GLY D 207 26.49 -1.91 -17.41
N PHE D 208 26.49 -2.54 -16.22
CA PHE D 208 27.66 -2.64 -15.36
C PHE D 208 28.29 -4.06 -15.25
N TYR D 209 29.65 -4.12 -15.08
CA TYR D 209 30.49 -5.32 -14.92
C TYR D 209 31.60 -5.00 -13.92
N PRO D 210 31.79 -5.79 -12.83
CA PRO D 210 31.11 -7.05 -12.48
C PRO D 210 29.69 -6.90 -11.99
N ALA D 211 29.09 -7.97 -11.44
CA ALA D 211 27.70 -7.94 -11.00
C ALA D 211 27.55 -7.35 -9.58
N GLU D 212 28.65 -7.33 -8.81
CA GLU D 212 28.59 -6.77 -7.45
C GLU D 212 28.37 -5.27 -7.49
N ILE D 213 27.21 -4.89 -6.90
CA ILE D 213 26.73 -3.51 -6.74
C ILE D 213 26.01 -3.34 -5.38
N THR D 214 25.89 -2.07 -4.95
CA THR D 214 25.17 -1.62 -3.76
C THR D 214 24.22 -0.50 -4.16
N LEU D 215 22.93 -0.76 -3.98
CA LEU D 215 21.87 0.21 -4.20
C LEU D 215 21.17 0.47 -2.86
N THR D 216 21.27 1.74 -2.39
CA THR D 216 20.71 2.22 -1.10
C THR D 216 19.94 3.54 -1.21
N TRP D 217 18.85 3.63 -0.41
CA TRP D 217 17.95 4.78 -0.34
C TRP D 217 18.14 5.56 0.99
N GLN D 218 18.15 6.91 0.89
CA GLN D 218 18.30 7.83 2.02
C GLN D 218 17.26 8.97 2.04
N ARG D 219 16.73 9.31 3.24
CA ARG D 219 15.77 10.41 3.45
C ARG D 219 16.43 11.49 4.33
N ASP D 220 16.87 12.57 3.65
CA ASP D 220 17.60 13.72 4.19
C ASP D 220 18.91 13.34 4.91
N GLY D 221 19.57 12.30 4.41
CA GLY D 221 20.82 11.79 4.96
C GLY D 221 20.74 10.46 5.67
N GLU D 222 19.52 10.04 6.11
CA GLU D 222 19.32 8.79 6.84
C GLU D 222 18.86 7.63 5.96
N ASP D 223 19.62 6.51 5.97
CA ASP D 223 19.35 5.29 5.21
C ASP D 223 17.97 4.73 5.57
N GLN D 224 17.23 4.26 4.57
CA GLN D 224 15.89 3.72 4.81
C GLN D 224 15.75 2.24 4.46
N THR D 225 15.14 1.48 5.36
CA THR D 225 14.89 0.06 5.15
C THR D 225 13.38 -0.28 5.10
N GLN D 226 12.55 0.74 5.42
CA GLN D 226 11.08 0.70 5.40
C GLN D 226 10.59 1.04 3.99
N ASP D 227 9.55 0.32 3.50
CA ASP D 227 8.91 0.51 2.17
C ASP D 227 9.88 0.42 0.98
N THR D 228 11.00 -0.31 1.15
CA THR D 228 12.03 -0.50 0.12
C THR D 228 11.87 -1.82 -0.61
N GLU D 229 11.93 -1.74 -1.95
CA GLU D 229 11.89 -2.90 -2.83
C GLU D 229 13.23 -3.01 -3.60
N LEU D 230 13.73 -4.25 -3.76
CA LEU D 230 14.99 -4.56 -4.44
C LEU D 230 14.92 -5.72 -5.41
N VAL D 231 15.36 -5.49 -6.66
CA VAL D 231 15.42 -6.60 -7.61
C VAL D 231 16.77 -7.25 -7.49
N GLU D 232 16.80 -8.57 -7.64
CA GLU D 232 18.00 -9.38 -7.64
C GLU D 232 18.80 -8.97 -8.90
N THR D 233 20.14 -8.71 -8.79
CA THR D 233 20.95 -8.29 -9.97
C THR D 233 20.70 -9.27 -11.13
N ARG D 234 20.41 -8.71 -12.32
CA ARG D 234 20.08 -9.48 -13.51
C ARG D 234 21.04 -9.32 -14.71
N PRO D 235 21.21 -10.39 -15.51
CA PRO D 235 22.11 -10.29 -16.67
C PRO D 235 21.47 -9.57 -17.83
N ALA D 236 22.19 -8.61 -18.40
CA ALA D 236 21.62 -7.87 -19.53
C ALA D 236 21.62 -8.66 -20.84
N GLY D 237 22.61 -9.55 -21.02
CA GLY D 237 22.76 -10.40 -22.19
C GLY D 237 23.87 -9.94 -23.10
N ASP D 238 24.70 -9.02 -22.63
CA ASP D 238 25.83 -8.48 -23.41
C ASP D 238 27.07 -8.42 -22.52
N GLY D 239 27.06 -9.28 -21.50
CA GLY D 239 28.10 -9.37 -20.49
C GLY D 239 27.87 -8.38 -19.37
N THR D 240 26.88 -7.48 -19.55
CA THR D 240 26.56 -6.46 -18.57
C THR D 240 25.43 -6.90 -17.65
N PHE D 241 25.29 -6.16 -16.55
CA PHE D 241 24.30 -6.37 -15.51
C PHE D 241 23.33 -5.20 -15.29
N GLN D 242 22.22 -5.51 -14.60
CA GLN D 242 21.14 -4.60 -14.30
C GLN D 242 20.62 -4.85 -12.92
N LYS D 243 20.31 -3.76 -12.21
CA LYS D 243 19.67 -3.77 -10.90
C LYS D 243 18.81 -2.52 -10.75
N TRP D 244 17.86 -2.58 -9.80
CA TRP D 244 17.02 -1.45 -9.40
C TRP D 244 16.60 -1.53 -7.96
N ALA D 245 16.48 -0.34 -7.35
CA ALA D 245 16.03 -0.15 -5.98
C ALA D 245 14.84 0.81 -6.02
N ALA D 246 13.83 0.53 -5.17
CA ALA D 246 12.65 1.38 -5.14
C ALA D 246 12.15 1.72 -3.72
N VAL D 247 11.54 2.91 -3.60
CA VAL D 247 10.98 3.39 -2.35
C VAL D 247 9.66 4.17 -2.53
N VAL D 248 8.68 3.91 -1.62
CA VAL D 248 7.40 4.59 -1.58
C VAL D 248 7.56 5.83 -0.69
N VAL D 249 7.30 7.01 -1.30
CA VAL D 249 7.46 8.36 -0.73
C VAL D 249 6.14 9.17 -0.75
N PRO D 250 5.94 10.16 0.18
CA PRO D 250 4.74 11.01 0.09
C PRO D 250 4.89 12.04 -1.02
N SER D 251 3.81 12.25 -1.78
CA SER D 251 3.74 13.19 -2.91
C SER D 251 4.24 14.57 -2.46
N GLY D 252 5.21 15.10 -3.20
CA GLY D 252 5.82 16.40 -2.91
C GLY D 252 7.10 16.33 -2.09
N GLU D 253 7.31 15.19 -1.37
CA GLU D 253 8.47 14.91 -0.50
C GLU D 253 9.56 14.13 -1.27
N GLU D 254 9.60 14.31 -2.60
CA GLU D 254 10.51 13.64 -3.51
C GLU D 254 11.99 14.03 -3.34
N GLN D 255 12.31 15.34 -3.34
CA GLN D 255 13.64 15.94 -3.17
C GLN D 255 14.31 15.58 -1.80
N ARG D 256 13.53 15.11 -0.80
CA ARG D 256 14.01 14.68 0.52
C ARG D 256 14.77 13.39 0.41
N TYR D 257 14.41 12.57 -0.59
CA TYR D 257 14.96 11.23 -0.85
C TYR D 257 16.10 11.19 -1.87
N THR D 258 17.17 10.38 -1.57
CA THR D 258 18.40 10.20 -2.39
C THR D 258 18.80 8.72 -2.63
N CYS D 259 19.41 8.45 -3.80
CA CYS D 259 19.94 7.10 -4.01
C CYS D 259 21.43 7.03 -4.05
N HIS D 260 21.99 5.97 -3.42
CA HIS D 260 23.42 5.74 -3.32
C HIS D 260 23.92 4.46 -3.98
N VAL D 261 24.58 4.67 -5.13
CA VAL D 261 25.15 3.68 -6.03
C VAL D 261 26.62 3.44 -5.68
N GLN D 262 26.94 2.21 -5.28
CA GLN D 262 28.30 1.80 -4.91
C GLN D 262 28.76 0.66 -5.85
N HIS D 263 29.65 1.03 -6.81
CA HIS D 263 30.22 0.13 -7.82
C HIS D 263 31.73 0.32 -7.99
N GLU D 264 32.47 -0.82 -8.16
CA GLU D 264 33.93 -0.88 -8.35
C GLU D 264 34.36 -0.02 -9.53
N GLY D 265 33.52 0.01 -10.55
CA GLY D 265 33.72 0.76 -11.78
C GLY D 265 33.61 2.26 -11.64
N LEU D 266 33.18 2.73 -10.45
CA LEU D 266 33.00 4.13 -10.08
C LEU D 266 34.14 4.62 -9.17
N PRO D 267 34.76 5.75 -9.55
CA PRO D 267 35.81 6.34 -8.71
C PRO D 267 35.26 6.78 -7.35
N LYS D 268 34.06 7.36 -7.37
CA LYS D 268 33.34 7.87 -6.23
C LYS D 268 31.88 7.35 -6.23
N PRO D 269 31.35 6.88 -5.05
CA PRO D 269 29.96 6.35 -5.02
C PRO D 269 28.83 7.37 -5.24
N LEU D 270 28.31 7.37 -6.48
CA LEU D 270 27.25 8.20 -7.04
C LEU D 270 26.07 8.47 -6.13
N THR D 271 25.54 9.72 -6.21
CA THR D 271 24.37 10.16 -5.45
C THR D 271 23.35 10.83 -6.39
N LEU D 272 22.22 10.12 -6.62
CA LEU D 272 21.11 10.53 -7.51
C LEU D 272 19.93 11.06 -6.67
N ARG D 273 19.34 12.20 -7.09
CA ARG D 273 18.22 12.86 -6.41
C ARG D 273 17.12 13.24 -7.41
N TRP D 274 15.84 13.20 -6.97
CA TRP D 274 14.75 13.58 -7.85
C TRP D 274 14.63 15.10 -7.97
N MET E 1 11.42 -34.53 -1.03
CA MET E 1 12.54 -34.08 -1.85
C MET E 1 12.72 -32.54 -1.80
N ILE E 2 13.97 -32.10 -2.01
CA ILE E 2 14.42 -30.70 -2.04
C ILE E 2 13.89 -30.05 -3.33
N GLN E 3 12.88 -29.17 -3.20
CA GLN E 3 12.30 -28.48 -4.37
C GLN E 3 12.23 -26.95 -4.22
N ARG E 4 12.68 -26.25 -5.27
CA ARG E 4 12.69 -24.78 -5.31
C ARG E 4 11.82 -24.15 -6.41
N THR E 5 11.24 -22.99 -6.10
CA THR E 5 10.32 -22.32 -6.99
C THR E 5 10.97 -21.22 -7.80
N PRO E 6 10.84 -21.31 -9.15
CA PRO E 6 11.41 -20.29 -10.05
C PRO E 6 11.15 -18.83 -9.68
N LYS E 7 12.08 -17.95 -10.04
CA LYS E 7 12.00 -16.51 -9.79
C LYS E 7 12.10 -15.84 -11.14
N ILE E 8 10.93 -15.50 -11.70
CA ILE E 8 10.79 -14.88 -13.03
C ILE E 8 10.94 -13.36 -13.01
N GLN E 9 11.68 -12.82 -14.00
CA GLN E 9 11.91 -11.41 -14.23
C GLN E 9 11.89 -11.12 -15.74
N VAL E 10 10.90 -10.36 -16.24
CA VAL E 10 10.85 -9.98 -17.68
C VAL E 10 11.45 -8.57 -17.88
N TYR E 11 12.42 -8.45 -18.80
CA TYR E 11 13.09 -7.19 -19.08
C TYR E 11 13.66 -7.06 -20.49
N SER E 12 14.16 -5.88 -20.81
CA SER E 12 14.75 -5.62 -22.12
C SER E 12 16.25 -5.37 -21.92
N ARG E 13 17.04 -5.45 -23.01
CA ARG E 13 18.49 -5.23 -22.90
C ARG E 13 18.74 -3.79 -22.53
N HIS E 14 17.97 -2.91 -23.18
CA HIS E 14 18.04 -1.47 -23.08
C HIS E 14 16.69 -0.93 -22.67
N PRO E 15 16.60 0.36 -22.29
CA PRO E 15 15.31 0.93 -21.94
C PRO E 15 14.43 0.97 -23.19
N ALA E 16 13.24 0.35 -23.05
CA ALA E 16 12.21 0.18 -24.07
C ALA E 16 11.88 1.48 -24.82
N GLU E 17 12.19 1.51 -26.13
CA GLU E 17 11.91 2.63 -27.02
C GLU E 17 11.27 2.06 -28.25
N ASN E 18 9.96 2.34 -28.42
CA ASN E 18 9.08 1.87 -29.49
C ASN E 18 9.72 1.96 -30.89
N GLY E 19 9.44 0.94 -31.71
CA GLY E 19 9.95 0.85 -33.07
C GLY E 19 11.44 0.57 -33.20
N LYS E 20 12.23 0.77 -32.11
CA LYS E 20 13.68 0.54 -32.05
C LYS E 20 14.05 -0.89 -31.61
N SER E 21 14.95 -1.54 -32.37
CA SER E 21 15.39 -2.91 -32.11
C SER E 21 16.15 -3.06 -30.79
N ASN E 22 15.62 -3.97 -29.93
CA ASN E 22 16.09 -4.31 -28.59
C ASN E 22 16.14 -5.85 -28.48
N PHE E 23 16.10 -6.37 -27.23
CA PHE E 23 16.11 -7.78 -26.85
C PHE E 23 15.20 -7.98 -25.68
N LEU E 24 14.29 -8.92 -25.80
CA LEU E 24 13.40 -9.21 -24.70
C LEU E 24 14.08 -10.33 -23.88
N ASN E 25 14.12 -10.20 -22.53
CA ASN E 25 14.76 -11.15 -21.63
C ASN E 25 13.86 -11.63 -20.53
N CYS E 26 14.01 -12.89 -20.16
CA CYS E 26 13.33 -13.47 -19.03
C CYS E 26 14.33 -14.35 -18.33
N TYR E 27 14.68 -13.97 -17.12
CA TYR E 27 15.71 -14.62 -16.34
C TYR E 27 15.10 -15.38 -15.21
N VAL E 28 15.05 -16.71 -15.38
CA VAL E 28 14.52 -17.58 -14.35
C VAL E 28 15.63 -17.98 -13.40
N SER E 29 15.39 -17.91 -12.08
CA SER E 29 16.42 -18.21 -11.07
C SER E 29 15.94 -18.96 -9.82
N GLY E 30 16.84 -19.15 -8.86
CA GLY E 30 16.60 -19.84 -7.58
C GLY E 30 15.71 -21.07 -7.58
N PHE E 31 15.69 -21.86 -8.70
CA PHE E 31 14.88 -23.07 -8.86
C PHE E 31 15.68 -24.37 -8.86
N HIS E 32 15.01 -25.49 -8.56
CA HIS E 32 15.60 -26.82 -8.46
C HIS E 32 14.48 -27.89 -8.32
N PRO E 33 14.44 -29.01 -9.09
CA PRO E 33 15.33 -29.48 -10.17
C PRO E 33 15.50 -28.56 -11.37
N SER E 34 16.48 -28.90 -12.20
CA SER E 34 16.90 -28.16 -13.39
C SER E 34 15.90 -28.19 -14.53
N ASP E 35 15.07 -29.26 -14.59
CA ASP E 35 14.10 -29.36 -15.65
C ASP E 35 13.01 -28.29 -15.64
N ILE E 36 13.08 -27.43 -16.68
CA ILE E 36 12.21 -26.27 -16.88
C ILE E 36 11.85 -26.04 -18.36
N GLU E 37 10.63 -25.50 -18.58
CA GLU E 37 10.08 -25.10 -19.87
C GLU E 37 9.86 -23.59 -19.76
N VAL E 38 10.43 -22.81 -20.69
CA VAL E 38 10.35 -21.35 -20.65
C VAL E 38 10.03 -20.79 -22.04
N ASP E 39 9.00 -19.91 -22.12
CA ASP E 39 8.54 -19.29 -23.36
C ASP E 39 8.31 -17.81 -23.29
N LEU E 40 8.67 -17.15 -24.38
CA LEU E 40 8.49 -15.73 -24.59
C LEU E 40 7.28 -15.60 -25.54
N LEU E 41 6.25 -14.80 -25.11
CA LEU E 41 4.97 -14.58 -25.80
C LEU E 41 4.81 -13.17 -26.33
N LYS E 42 4.48 -13.06 -27.64
CA LYS E 42 4.15 -11.79 -28.30
C LYS E 42 2.63 -11.84 -28.44
N ASN E 43 1.94 -10.89 -27.78
CA ASN E 43 0.47 -10.75 -27.76
C ASN E 43 -0.22 -12.08 -27.43
N GLY E 44 0.33 -12.80 -26.45
CA GLY E 44 -0.18 -14.08 -25.97
C GLY E 44 0.25 -15.32 -26.73
N GLU E 45 1.06 -15.14 -27.81
CA GLU E 45 1.56 -16.26 -28.62
C GLU E 45 3.05 -16.44 -28.56
N ARG E 46 3.49 -17.66 -28.21
CA ARG E 46 4.88 -18.12 -28.14
C ARG E 46 5.70 -17.63 -29.34
N ILE E 47 6.89 -17.11 -29.09
CA ILE E 47 7.76 -16.62 -30.15
C ILE E 47 8.70 -17.76 -30.47
N GLU E 48 8.80 -18.14 -31.75
CA GLU E 48 9.76 -19.18 -32.15
C GLU E 48 11.14 -18.52 -32.23
N LYS E 49 12.23 -19.30 -32.03
CA LYS E 49 13.62 -18.81 -32.10
C LYS E 49 13.99 -17.84 -30.92
N VAL E 50 14.01 -18.43 -29.73
CA VAL E 50 14.38 -17.81 -28.46
C VAL E 50 15.60 -18.64 -27.98
N GLU E 51 16.80 -18.01 -27.87
CA GLU E 51 18.01 -18.70 -27.41
C GLU E 51 18.11 -18.60 -25.88
N HIS E 52 19.04 -19.33 -25.27
CA HIS E 52 19.20 -19.27 -23.83
C HIS E 52 20.58 -19.60 -23.30
N SER E 53 20.81 -19.22 -22.04
CA SER E 53 22.04 -19.43 -21.29
C SER E 53 22.33 -20.91 -21.07
N ASP E 54 23.61 -21.23 -20.85
CA ASP E 54 24.03 -22.59 -20.52
C ASP E 54 23.68 -22.84 -19.05
N LEU E 55 23.15 -24.02 -18.72
CA LEU E 55 22.72 -24.32 -17.35
C LEU E 55 23.80 -24.10 -16.29
N SER E 56 23.51 -23.20 -15.35
CA SER E 56 24.38 -22.86 -14.26
C SER E 56 23.60 -22.75 -12.97
N PHE E 57 24.32 -22.65 -11.86
CA PHE E 57 23.72 -22.50 -10.53
C PHE E 57 24.54 -21.52 -9.67
N SER E 58 24.16 -21.42 -8.39
CA SER E 58 24.73 -20.50 -7.42
C SER E 58 25.18 -21.24 -6.18
N LYS E 59 25.78 -20.50 -5.23
CA LYS E 59 26.26 -21.03 -3.95
C LYS E 59 25.16 -21.90 -3.25
N ASP E 60 23.91 -21.46 -3.39
CA ASP E 60 22.62 -22.00 -2.93
C ASP E 60 22.38 -23.45 -3.35
N TRP E 61 22.90 -23.82 -4.57
CA TRP E 61 22.75 -25.04 -5.36
C TRP E 61 21.58 -24.88 -6.34
N SER E 62 20.95 -23.69 -6.38
CA SER E 62 19.79 -23.45 -7.22
C SER E 62 20.10 -22.87 -8.62
N PHE E 63 19.52 -23.51 -9.64
CA PHE E 63 19.74 -23.19 -11.05
C PHE E 63 19.30 -21.81 -11.48
N TYR E 64 19.82 -21.35 -12.62
CA TYR E 64 19.48 -20.08 -13.25
C TYR E 64 19.70 -20.10 -14.72
N LEU E 65 18.71 -19.54 -15.43
CA LEU E 65 18.73 -19.47 -16.87
C LEU E 65 18.26 -18.15 -17.41
N LEU E 66 18.81 -17.74 -18.57
CA LEU E 66 18.37 -16.53 -19.23
C LEU E 66 17.92 -16.86 -20.64
N TYR E 67 16.64 -16.50 -20.95
CA TYR E 67 15.99 -16.66 -22.25
C TYR E 67 15.87 -15.30 -22.90
N TYR E 68 16.32 -15.20 -24.15
CA TYR E 68 16.35 -13.93 -24.90
C TYR E 68 15.97 -14.10 -26.38
N THR E 69 15.31 -13.06 -26.94
CA THR E 69 14.91 -13.02 -28.34
C THR E 69 14.99 -11.59 -28.87
N GLU E 70 15.55 -11.42 -30.08
CA GLU E 70 15.72 -10.11 -30.73
C GLU E 70 14.33 -9.54 -31.06
N PHE E 71 13.98 -8.42 -30.43
CA PHE E 71 12.68 -7.79 -30.66
C PHE E 71 12.74 -6.29 -30.95
N THR E 72 11.57 -5.69 -31.20
CA THR E 72 11.38 -4.27 -31.50
C THR E 72 9.99 -3.89 -30.96
N PRO E 73 9.91 -3.09 -29.87
CA PRO E 73 8.61 -2.83 -29.25
C PRO E 73 7.72 -1.76 -29.91
N THR E 74 6.46 -1.69 -29.43
CA THR E 74 5.38 -0.78 -29.82
C THR E 74 4.41 -0.70 -28.64
N GLU E 75 3.66 0.44 -28.52
CA GLU E 75 2.64 0.68 -27.49
C GLU E 75 1.61 -0.44 -27.52
N LYS E 76 1.25 -0.89 -28.74
CA LYS E 76 0.29 -1.97 -28.97
C LYS E 76 0.74 -3.32 -28.39
N ASP E 77 1.82 -3.91 -28.95
CA ASP E 77 2.38 -5.21 -28.61
C ASP E 77 2.61 -5.52 -27.13
N GLU E 78 1.94 -6.59 -26.66
CA GLU E 78 1.99 -7.06 -25.27
C GLU E 78 2.91 -8.29 -25.16
N TYR E 79 4.15 -8.08 -24.67
CA TYR E 79 5.11 -9.16 -24.49
C TYR E 79 5.13 -9.66 -23.03
N ALA E 80 5.24 -11.00 -22.83
CA ALA E 80 5.26 -11.63 -21.49
C ALA E 80 6.12 -12.89 -21.42
N CYS E 81 6.02 -13.64 -20.31
CA CYS E 81 6.78 -14.87 -20.14
C CYS E 81 6.01 -16.01 -19.51
N ARG E 82 6.00 -17.15 -20.20
CA ARG E 82 5.32 -18.40 -19.82
C ARG E 82 6.39 -19.39 -19.36
N VAL E 83 6.43 -19.67 -18.06
CA VAL E 83 7.44 -20.53 -17.44
C VAL E 83 6.77 -21.66 -16.68
N ASN E 84 7.03 -22.92 -17.06
CA ASN E 84 6.50 -24.07 -16.35
C ASN E 84 7.63 -24.87 -15.70
N HIS E 85 7.36 -25.35 -14.47
CA HIS E 85 8.28 -26.12 -13.64
C HIS E 85 7.46 -26.95 -12.67
N VAL E 86 7.98 -28.11 -12.26
CA VAL E 86 7.32 -29.03 -11.34
C VAL E 86 6.57 -28.39 -10.16
N THR E 87 7.20 -27.44 -9.40
CA THR E 87 6.60 -26.77 -8.22
C THR E 87 5.27 -26.04 -8.53
N LEU E 88 5.20 -25.39 -9.71
CA LEU E 88 4.04 -24.66 -10.24
C LEU E 88 3.00 -25.66 -10.64
N SER E 89 1.71 -25.36 -10.33
CA SER E 89 0.56 -26.23 -10.65
C SER E 89 0.26 -26.19 -12.14
N GLN E 90 0.30 -24.97 -12.69
CA GLN E 90 0.01 -24.63 -14.09
C GLN E 90 0.98 -23.49 -14.51
N PRO E 91 1.31 -23.31 -15.84
CA PRO E 91 2.22 -22.21 -16.24
C PRO E 91 1.97 -20.88 -15.56
N LYS E 92 3.02 -20.34 -14.93
CA LYS E 92 3.02 -19.02 -14.30
C LYS E 92 3.39 -18.03 -15.41
N ILE E 93 2.63 -16.94 -15.54
CA ILE E 93 2.91 -15.90 -16.54
C ILE E 93 3.21 -14.61 -15.84
N VAL E 94 4.28 -13.96 -16.29
CA VAL E 94 4.75 -12.68 -15.79
C VAL E 94 4.79 -11.77 -17.03
N LYS E 95 4.03 -10.67 -16.96
CA LYS E 95 3.92 -9.72 -18.08
C LYS E 95 5.14 -8.76 -18.10
N TRP E 96 5.45 -8.21 -19.28
CA TRP E 96 6.57 -7.29 -19.39
C TRP E 96 6.21 -5.85 -19.12
N ASP E 97 6.68 -5.37 -17.95
CA ASP E 97 6.54 -4.00 -17.50
C ASP E 97 7.80 -3.27 -17.99
N ARG E 98 7.61 -2.21 -18.79
CA ARG E 98 8.69 -1.41 -19.37
C ARG E 98 9.52 -0.68 -18.31
N ASP E 99 8.87 -0.31 -17.19
CA ASP E 99 9.43 0.44 -16.04
C ASP E 99 9.83 -0.50 -14.87
N MET E 100 10.08 -1.79 -15.19
CA MET E 100 10.48 -2.84 -14.25
C MET E 100 11.41 -3.93 -14.86
N GLY F 1 41.07 -23.48 -17.10
CA GLY F 1 41.15 -24.92 -17.26
C GLY F 1 40.61 -25.69 -16.07
N THR F 2 40.10 -26.90 -16.36
CA THR F 2 39.48 -27.86 -15.45
C THR F 2 40.46 -28.72 -14.72
N SER F 3 39.94 -29.54 -13.79
CA SER F 3 40.73 -30.54 -13.10
C SER F 3 40.64 -31.82 -13.96
N GLY F 4 41.74 -32.57 -14.06
CA GLY F 4 41.81 -33.86 -14.76
C GLY F 4 41.83 -34.99 -13.76
N SER F 5 42.83 -35.92 -13.82
CA SER F 5 42.92 -36.86 -12.71
C SER F 5 43.31 -35.91 -11.51
N PRO F 6 42.86 -36.11 -10.23
CA PRO F 6 42.17 -37.25 -9.56
C PRO F 6 41.11 -38.14 -10.25
N ILE F 7 39.83 -37.74 -10.08
CA ILE F 7 38.59 -38.43 -10.42
C ILE F 7 38.45 -39.80 -9.69
N VAL F 8 38.07 -39.73 -8.39
CA VAL F 8 37.84 -40.86 -7.49
C VAL F 8 36.35 -40.91 -7.31
N ASN F 9 35.74 -42.10 -7.54
CA ASN F 9 34.28 -42.25 -7.47
C ASN F 9 33.82 -42.13 -6.05
N ARG F 10 32.56 -41.68 -5.88
CA ARG F 10 31.91 -41.61 -4.58
C ARG F 10 31.47 -43.04 -4.28
N GLY G 1 -35.29 15.50 -27.22
CA GLY G 1 -33.88 15.17 -27.44
C GLY G 1 -33.62 13.69 -27.29
N SER G 2 -32.50 13.30 -26.60
CA SER G 2 -32.13 11.90 -26.31
C SER G 2 -32.66 11.51 -24.92
N HIS G 3 -33.07 10.24 -24.74
CA HIS G 3 -33.65 9.80 -23.46
C HIS G 3 -33.10 8.52 -22.91
N SER G 4 -33.53 8.18 -21.66
CA SER G 4 -33.07 7.02 -20.92
C SER G 4 -34.03 6.56 -19.84
N MET G 5 -34.09 5.22 -19.59
CA MET G 5 -34.89 4.60 -18.51
C MET G 5 -33.96 3.77 -17.61
N ARG G 6 -34.06 3.98 -16.27
CA ARG G 6 -33.21 3.24 -15.31
C ARG G 6 -33.92 2.68 -14.10
N TYR G 7 -33.38 1.54 -13.68
CA TYR G 7 -33.83 0.82 -12.51
C TYR G 7 -32.67 0.67 -11.51
N PHE G 8 -32.97 0.81 -10.22
CA PHE G 8 -31.93 0.62 -9.23
C PHE G 8 -32.46 -0.26 -8.17
N TYR G 9 -31.77 -1.35 -7.96
CA TYR G 9 -32.18 -2.31 -6.94
C TYR G 9 -31.15 -2.36 -5.82
N THR G 10 -31.64 -2.54 -4.59
CA THR G 10 -30.81 -2.65 -3.39
C THR G 10 -31.37 -3.74 -2.46
N SER G 11 -30.53 -4.73 -2.16
CA SER G 11 -30.83 -5.83 -1.24
C SER G 11 -29.81 -5.72 -0.10
N VAL G 12 -30.30 -5.57 1.16
CA VAL G 12 -29.49 -5.35 2.38
C VAL G 12 -29.78 -6.34 3.49
N SER G 13 -28.85 -7.31 3.70
CA SER G 13 -29.03 -8.35 4.71
C SER G 13 -29.06 -7.83 6.11
N ARG G 14 -30.12 -8.14 6.86
CA ARG G 14 -30.22 -7.71 8.25
C ARG G 14 -30.20 -8.92 9.21
N PRO G 15 -28.97 -9.45 9.53
CA PRO G 15 -28.86 -10.65 10.40
C PRO G 15 -29.64 -10.63 11.71
N GLY G 16 -30.62 -11.54 11.82
CA GLY G 16 -31.47 -11.63 13.01
C GLY G 16 -32.70 -10.75 12.88
N ARG G 17 -32.49 -9.44 12.49
CA ARG G 17 -33.51 -8.40 12.21
C ARG G 17 -34.53 -8.87 11.11
N GLY G 18 -34.39 -10.14 10.74
CA GLY G 18 -35.23 -10.85 9.77
C GLY G 18 -34.55 -11.15 8.45
N GLU G 19 -35.35 -11.00 7.40
CA GLU G 19 -34.93 -11.23 6.03
C GLU G 19 -34.50 -9.92 5.39
N PRO G 20 -33.63 -9.93 4.36
CA PRO G 20 -33.18 -8.66 3.74
C PRO G 20 -34.25 -7.65 3.32
N ARG G 21 -33.83 -6.40 3.10
CA ARG G 21 -34.72 -5.35 2.61
C ARG G 21 -34.42 -5.11 1.15
N PHE G 22 -35.45 -5.29 0.31
CA PHE G 22 -35.38 -5.07 -1.13
C PHE G 22 -36.01 -3.72 -1.46
N ILE G 23 -35.24 -2.87 -2.19
CA ILE G 23 -35.70 -1.56 -2.63
C ILE G 23 -35.38 -1.35 -4.09
N ALA G 24 -36.44 -1.14 -4.89
CA ALA G 24 -36.34 -0.92 -6.32
C ALA G 24 -36.92 0.39 -6.72
N VAL G 25 -36.21 1.13 -7.56
CA VAL G 25 -36.75 2.38 -8.07
C VAL G 25 -36.48 2.48 -9.55
N GLY G 26 -37.44 3.07 -10.27
CA GLY G 26 -37.35 3.27 -11.70
C GLY G 26 -37.47 4.72 -12.10
N TYR G 27 -36.64 5.12 -13.06
CA TYR G 27 -36.58 6.49 -13.55
C TYR G 27 -36.64 6.59 -15.08
N VAL G 28 -37.15 7.72 -15.56
CA VAL G 28 -37.06 8.07 -17.00
C VAL G 28 -36.32 9.39 -16.93
N ASP G 29 -35.09 9.40 -17.47
CA ASP G 29 -34.18 10.52 -17.33
C ASP G 29 -34.12 10.80 -15.79
N ASP G 30 -34.21 12.07 -15.37
CA ASP G 30 -34.15 12.45 -13.95
C ASP G 30 -35.52 12.38 -13.24
N THR G 31 -36.46 11.56 -13.76
CA THR G 31 -37.79 11.43 -13.17
C THR G 31 -38.08 10.05 -12.68
N GLN G 32 -38.33 9.92 -11.35
CA GLN G 32 -38.66 8.65 -10.72
C GLN G 32 -40.11 8.45 -11.04
N PHE G 33 -40.53 7.17 -11.25
CA PHE G 33 -41.93 6.82 -11.58
C PHE G 33 -42.47 5.60 -10.86
N VAL G 34 -41.59 4.69 -10.40
CA VAL G 34 -42.01 3.50 -9.66
C VAL G 34 -41.09 3.13 -8.53
N ARG G 35 -41.69 2.62 -7.44
CA ARG G 35 -40.96 2.21 -6.26
C ARG G 35 -41.45 0.89 -5.69
N PHE G 36 -40.54 0.12 -5.14
CA PHE G 36 -40.93 -1.08 -4.44
C PHE G 36 -40.05 -1.16 -3.21
N ASP G 37 -40.67 -1.32 -2.03
CA ASP G 37 -39.95 -1.48 -0.77
C ASP G 37 -40.49 -2.73 -0.17
N SER G 38 -39.59 -3.69 0.10
CA SER G 38 -39.97 -4.99 0.67
C SER G 38 -40.75 -4.86 1.99
N ASP G 39 -40.51 -3.77 2.72
CA ASP G 39 -41.11 -3.51 4.01
C ASP G 39 -42.54 -2.97 3.99
N ALA G 40 -42.84 -2.04 3.05
CA ALA G 40 -44.16 -1.43 2.89
C ALA G 40 -45.33 -2.44 2.89
N ALA G 41 -46.47 -2.03 3.48
CA ALA G 41 -47.69 -2.85 3.58
C ALA G 41 -48.21 -3.29 2.21
N SER G 42 -48.11 -2.37 1.20
CA SER G 42 -48.58 -2.57 -0.18
C SER G 42 -48.16 -3.87 -0.84
N GLN G 43 -46.84 -4.26 -0.82
CA GLN G 43 -46.30 -5.47 -1.47
C GLN G 43 -46.61 -5.47 -2.98
N ARG G 44 -46.59 -4.28 -3.56
CA ARG G 44 -46.85 -4.02 -4.97
C ARG G 44 -45.92 -2.93 -5.38
N MET G 45 -45.55 -2.96 -6.67
CA MET G 45 -44.80 -1.91 -7.27
C MET G 45 -45.79 -0.74 -7.26
N GLU G 46 -45.38 0.42 -6.72
CA GLU G 46 -46.22 1.61 -6.57
C GLU G 46 -45.82 2.75 -7.55
N PRO G 47 -46.79 3.57 -8.04
CA PRO G 47 -46.41 4.68 -8.92
C PRO G 47 -45.92 5.92 -8.15
N ARG G 48 -44.97 6.66 -8.74
CA ARG G 48 -44.38 7.86 -8.16
C ARG G 48 -44.25 8.94 -9.27
N ALA G 49 -45.27 8.98 -10.13
CA ALA G 49 -45.41 9.88 -11.25
C ALA G 49 -46.87 9.75 -11.70
N PRO G 50 -47.53 10.83 -12.22
CA PRO G 50 -48.93 10.68 -12.64
C PRO G 50 -49.09 9.88 -13.95
N TRP G 51 -48.20 10.12 -14.93
CA TRP G 51 -48.28 9.46 -16.24
C TRP G 51 -48.22 7.91 -16.24
N ILE G 52 -47.93 7.32 -15.12
CA ILE G 52 -47.85 5.88 -14.98
C ILE G 52 -49.06 5.40 -14.17
N GLU G 53 -49.86 6.36 -13.63
CA GLU G 53 -51.07 6.00 -12.86
C GLU G 53 -52.07 5.38 -13.81
N GLN G 54 -51.98 5.78 -15.11
CA GLN G 54 -52.80 5.25 -16.19
C GLN G 54 -52.55 3.76 -16.55
N GLU G 55 -51.49 3.10 -15.97
CA GLU G 55 -51.28 1.67 -16.27
C GLU G 55 -52.23 0.84 -15.46
N GLY G 56 -52.75 -0.21 -16.08
CA GLY G 56 -53.74 -1.07 -15.44
C GLY G 56 -53.18 -2.10 -14.50
N PRO G 57 -54.04 -2.74 -13.68
CA PRO G 57 -53.56 -3.79 -12.77
C PRO G 57 -52.70 -4.85 -13.45
N GLU G 58 -52.87 -5.08 -14.75
CA GLU G 58 -51.97 -6.02 -15.40
C GLU G 58 -50.49 -5.63 -15.27
N TYR G 59 -50.21 -4.32 -15.44
CA TYR G 59 -48.87 -3.72 -15.29
C TYR G 59 -48.33 -3.94 -13.88
N TRP G 60 -49.05 -3.43 -12.90
CA TRP G 60 -48.70 -3.58 -11.52
C TRP G 60 -48.48 -5.02 -11.12
N ASP G 61 -49.32 -5.93 -11.64
CA ASP G 61 -49.19 -7.36 -11.37
C ASP G 61 -47.85 -7.91 -11.84
N GLN G 62 -47.50 -7.66 -13.12
CA GLN G 62 -46.28 -8.20 -13.68
C GLN G 62 -45.05 -7.57 -13.02
N GLU G 63 -45.02 -6.19 -13.01
CA GLU G 63 -43.94 -5.42 -12.42
C GLU G 63 -43.65 -5.93 -11.03
N THR G 64 -44.73 -6.20 -10.24
CA THR G 64 -44.56 -6.79 -8.90
C THR G 64 -43.88 -8.16 -8.98
N ARG G 65 -44.48 -9.11 -9.78
CA ARG G 65 -43.98 -10.48 -10.01
C ARG G 65 -42.48 -10.42 -10.20
N ASN G 66 -42.06 -9.60 -11.19
CA ASN G 66 -40.69 -9.33 -11.58
C ASN G 66 -39.77 -8.91 -10.42
N VAL G 67 -40.08 -7.76 -9.74
CA VAL G 67 -39.27 -7.26 -8.61
C VAL G 67 -39.14 -8.27 -7.52
N LYS G 68 -40.28 -8.76 -7.01
CA LYS G 68 -40.36 -9.82 -6.00
C LYS G 68 -39.50 -11.08 -6.35
N ALA G 69 -39.39 -11.45 -7.65
CA ALA G 69 -38.56 -12.58 -8.05
C ALA G 69 -37.10 -12.25 -7.84
N GLN G 70 -36.69 -11.02 -8.25
CA GLN G 70 -35.33 -10.49 -8.05
C GLN G 70 -35.03 -10.46 -6.56
N SER G 71 -36.00 -9.99 -5.76
CA SER G 71 -35.89 -9.95 -4.32
C SER G 71 -35.46 -11.34 -3.77
N GLN G 72 -36.09 -12.41 -4.30
CA GLN G 72 -35.84 -13.79 -3.90
C GLN G 72 -34.54 -14.36 -4.33
N THR G 73 -34.07 -13.99 -5.53
CA THR G 73 -32.78 -14.43 -6.09
C THR G 73 -31.68 -13.76 -5.27
N ASP G 74 -31.99 -12.55 -4.76
CA ASP G 74 -31.06 -11.80 -3.93
C ASP G 74 -30.89 -12.42 -2.55
N ARG G 75 -31.99 -12.88 -1.92
CA ARG G 75 -31.90 -13.58 -0.63
C ARG G 75 -30.96 -14.81 -0.72
N VAL G 76 -30.93 -15.47 -1.89
CA VAL G 76 -30.07 -16.62 -2.15
C VAL G 76 -28.61 -16.17 -2.39
N ASP G 77 -28.40 -15.24 -3.35
CA ASP G 77 -27.11 -14.71 -3.75
C ASP G 77 -26.36 -14.01 -2.61
N LEU G 78 -27.10 -13.39 -1.67
CA LEU G 78 -26.50 -12.75 -0.51
C LEU G 78 -25.67 -13.78 0.29
N GLY G 79 -26.12 -15.04 0.27
CA GLY G 79 -25.48 -16.18 0.90
C GLY G 79 -24.36 -16.75 0.06
N THR G 80 -24.58 -16.98 -1.25
CA THR G 80 -23.52 -17.52 -2.08
C THR G 80 -22.33 -16.55 -2.01
N LEU G 81 -22.61 -15.25 -1.77
CA LEU G 81 -21.56 -14.23 -1.70
C LEU G 81 -20.77 -14.17 -0.40
N ARG G 82 -21.44 -14.49 0.72
CA ARG G 82 -20.84 -14.69 2.05
C ARG G 82 -20.01 -15.96 1.96
N GLY G 83 -20.23 -16.78 0.94
CA GLY G 83 -19.48 -18.01 0.75
C GLY G 83 -18.23 -17.76 -0.03
N TYR G 84 -18.36 -16.94 -1.07
CA TYR G 84 -17.25 -16.65 -1.93
C TYR G 84 -16.14 -15.92 -1.17
N TYR G 85 -16.56 -14.87 -0.46
CA TYR G 85 -15.71 -13.97 0.31
C TYR G 85 -15.49 -14.39 1.73
N ASN G 86 -16.05 -15.54 2.14
CA ASN G 86 -15.90 -16.12 3.48
C ASN G 86 -16.23 -15.15 4.65
N GLN G 87 -17.48 -14.67 4.67
CA GLN G 87 -17.95 -13.77 5.70
C GLN G 87 -18.94 -14.47 6.63
N SER G 88 -19.08 -13.94 7.86
CA SER G 88 -19.94 -14.54 8.88
C SER G 88 -21.36 -14.06 8.84
N GLU G 89 -22.27 -14.95 9.25
CA GLU G 89 -23.71 -14.77 9.40
C GLU G 89 -24.09 -13.50 10.18
N ASP G 90 -23.16 -12.95 10.97
CA ASP G 90 -23.38 -11.75 11.79
C ASP G 90 -23.26 -10.44 10.98
N GLY G 91 -22.57 -10.48 9.84
CA GLY G 91 -22.40 -9.33 8.98
C GLY G 91 -23.61 -8.95 8.13
N SER G 92 -23.88 -7.64 8.03
CA SER G 92 -24.91 -7.05 7.18
C SER G 92 -24.24 -6.73 5.84
N HIS G 93 -24.86 -7.11 4.71
CA HIS G 93 -24.29 -6.93 3.36
C HIS G 93 -25.24 -6.38 2.30
N THR G 94 -24.68 -5.66 1.30
CA THR G 94 -25.46 -4.98 0.24
C THR G 94 -25.19 -5.42 -1.21
N ILE G 95 -26.26 -5.89 -1.93
CA ILE G 95 -26.18 -6.20 -3.38
C ILE G 95 -26.90 -5.07 -4.07
N GLN G 96 -26.28 -4.45 -5.09
CA GLN G 96 -26.90 -3.36 -5.86
C GLN G 96 -26.83 -3.66 -7.35
N ILE G 97 -27.95 -3.39 -8.08
CA ILE G 97 -28.03 -3.57 -9.54
C ILE G 97 -28.53 -2.28 -10.16
N MET G 98 -27.87 -1.88 -11.25
CA MET G 98 -28.22 -0.72 -12.05
C MET G 98 -28.39 -1.26 -13.47
N TYR G 99 -29.64 -1.23 -13.98
CA TYR G 99 -29.92 -1.59 -15.38
C TYR G 99 -30.75 -0.54 -16.08
N GLY G 100 -30.56 -0.45 -17.39
CA GLY G 100 -31.26 0.55 -18.17
C GLY G 100 -30.82 0.62 -19.61
N CYS G 101 -31.44 1.56 -20.33
CA CYS G 101 -31.17 1.80 -21.74
C CYS G 101 -31.34 3.28 -22.13
N ASP G 102 -30.71 3.62 -23.28
CA ASP G 102 -30.66 4.90 -23.94
C ASP G 102 -31.19 4.84 -25.38
N VAL G 103 -31.99 5.86 -25.78
CA VAL G 103 -32.53 6.05 -27.12
C VAL G 103 -32.29 7.48 -27.57
N GLY G 104 -32.24 7.68 -28.89
CA GLY G 104 -32.10 9.00 -29.50
C GLY G 104 -33.45 9.67 -29.73
N PRO G 105 -33.48 10.88 -30.36
CA PRO G 105 -34.78 11.55 -30.59
C PRO G 105 -35.71 10.78 -31.53
N ASP G 106 -35.10 9.89 -32.33
CA ASP G 106 -35.76 8.94 -33.24
C ASP G 106 -36.69 8.02 -32.43
N GLY G 107 -36.15 7.46 -31.35
CA GLY G 107 -36.83 6.57 -30.42
C GLY G 107 -36.23 5.19 -30.40
N ARG G 108 -35.18 5.01 -31.22
CA ARG G 108 -34.45 3.77 -31.41
C ARG G 108 -33.16 3.68 -30.60
N PHE G 109 -32.94 2.49 -30.03
CA PHE G 109 -31.84 2.04 -29.18
C PHE G 109 -30.48 2.68 -29.41
N LEU G 110 -29.71 2.86 -28.34
CA LEU G 110 -28.36 3.41 -28.35
C LEU G 110 -27.43 2.52 -27.57
N ARG G 111 -27.75 2.29 -26.27
CA ARG G 111 -26.96 1.41 -25.40
C ARG G 111 -27.77 0.86 -24.25
N GLY G 112 -27.36 -0.32 -23.80
CA GLY G 112 -27.95 -1.04 -22.68
C GLY G 112 -26.98 -1.16 -21.53
N TYR G 113 -27.50 -1.30 -20.31
CA TYR G 113 -26.65 -1.35 -19.14
C TYR G 113 -27.04 -2.40 -18.18
N ARG G 114 -26.03 -3.07 -17.64
CA ARG G 114 -26.13 -3.98 -16.51
C ARG G 114 -24.81 -4.07 -15.84
N GLN G 115 -24.81 -3.61 -14.58
CA GLN G 115 -23.68 -3.62 -13.68
C GLN G 115 -24.19 -3.90 -12.25
N ASP G 116 -23.49 -4.84 -11.60
CA ASP G 116 -23.75 -5.30 -10.25
C ASP G 116 -22.65 -4.80 -9.30
N ALA G 117 -22.96 -4.78 -7.97
CA ALA G 117 -22.06 -4.35 -6.89
C ALA G 117 -22.34 -4.97 -5.53
N TYR G 118 -21.34 -5.67 -5.00
CA TYR G 118 -21.42 -6.25 -3.67
C TYR G 118 -20.65 -5.38 -2.74
N ASP G 119 -21.27 -5.06 -1.60
CA ASP G 119 -20.72 -4.26 -0.52
C ASP G 119 -20.12 -2.90 -0.96
N GLY G 120 -20.71 -2.29 -1.99
CA GLY G 120 -20.30 -1.00 -2.48
C GLY G 120 -19.21 -1.00 -3.52
N LYS G 121 -18.55 -2.13 -3.69
CA LYS G 121 -17.48 -2.29 -4.67
C LYS G 121 -18.13 -2.80 -5.97
N ASP G 122 -17.54 -2.54 -7.14
CA ASP G 122 -18.08 -3.10 -8.38
C ASP G 122 -17.95 -4.64 -8.32
N TYR G 123 -19.01 -5.40 -8.71
CA TYR G 123 -19.00 -6.87 -8.71
C TYR G 123 -18.90 -7.45 -10.12
N ILE G 124 -19.91 -7.21 -10.99
CA ILE G 124 -19.89 -7.70 -12.37
C ILE G 124 -20.59 -6.69 -13.26
N ALA G 125 -20.21 -6.66 -14.55
CA ALA G 125 -20.80 -5.74 -15.50
C ALA G 125 -20.93 -6.38 -16.85
N LEU G 126 -21.98 -6.00 -17.57
CA LEU G 126 -22.24 -6.45 -18.91
C LEU G 126 -21.56 -5.45 -19.78
N ASN G 127 -20.70 -5.94 -20.66
CA ASN G 127 -19.92 -5.16 -21.62
C ASN G 127 -20.80 -4.49 -22.71
N GLU G 128 -20.23 -3.52 -23.46
CA GLU G 128 -20.97 -2.74 -24.45
C GLU G 128 -21.72 -3.59 -25.43
N ASP G 129 -21.06 -4.66 -25.91
CA ASP G 129 -21.64 -5.59 -26.88
C ASP G 129 -22.86 -6.32 -26.37
N LEU G 130 -23.05 -6.37 -25.03
CA LEU G 130 -24.14 -7.08 -24.34
C LEU G 130 -24.08 -8.56 -24.77
N ARG G 131 -22.85 -9.05 -24.93
CA ARG G 131 -22.52 -10.38 -25.39
C ARG G 131 -21.41 -10.93 -24.48
N SER G 132 -20.84 -10.06 -23.63
CA SER G 132 -19.76 -10.42 -22.69
C SER G 132 -19.91 -9.76 -21.30
N TRP G 133 -19.15 -10.30 -20.34
CA TRP G 133 -19.10 -9.83 -18.96
C TRP G 133 -17.70 -9.37 -18.50
N THR G 134 -17.66 -8.65 -17.36
CA THR G 134 -16.46 -8.12 -16.72
C THR G 134 -16.44 -8.44 -15.21
N ALA G 135 -15.69 -9.47 -14.86
CA ALA G 135 -15.56 -9.89 -13.48
C ALA G 135 -14.55 -8.98 -12.77
N ALA G 136 -15.05 -8.17 -11.80
CA ALA G 136 -14.24 -7.23 -11.02
C ALA G 136 -13.16 -7.89 -10.14
N ASP G 137 -13.46 -9.08 -9.56
CA ASP G 137 -12.50 -9.83 -8.77
C ASP G 137 -12.49 -11.34 -9.11
N MET G 138 -12.20 -12.22 -8.12
CA MET G 138 -12.15 -13.66 -8.36
C MET G 138 -13.47 -14.33 -8.15
N ALA G 139 -14.22 -13.89 -7.12
CA ALA G 139 -15.57 -14.39 -6.80
C ALA G 139 -16.49 -14.09 -8.00
N ALA G 140 -16.33 -12.86 -8.55
CA ALA G 140 -17.03 -12.35 -9.71
C ALA G 140 -16.75 -13.23 -10.92
N GLN G 141 -15.59 -13.90 -10.94
CA GLN G 141 -15.21 -14.79 -12.05
C GLN G 141 -16.02 -16.06 -12.01
N ILE G 142 -16.42 -16.49 -10.81
CA ILE G 142 -17.23 -17.70 -10.62
C ILE G 142 -18.62 -17.45 -11.27
N THR G 143 -19.25 -16.30 -10.90
CA THR G 143 -20.53 -15.79 -11.39
C THR G 143 -20.43 -15.59 -12.91
N LYS G 144 -19.32 -14.98 -13.37
CA LYS G 144 -19.03 -14.71 -14.78
C LYS G 144 -19.22 -15.98 -15.58
N ARG G 145 -18.56 -17.05 -15.14
CA ARG G 145 -18.58 -18.34 -15.79
C ARG G 145 -19.95 -19.00 -15.72
N LYS G 146 -20.67 -18.82 -14.60
CA LYS G 146 -22.01 -19.37 -14.39
C LYS G 146 -22.99 -18.79 -15.42
N TRP G 147 -23.00 -17.45 -15.54
CA TRP G 147 -23.85 -16.67 -16.45
C TRP G 147 -23.48 -16.90 -17.91
N GLU G 148 -22.20 -17.22 -18.13
CA GLU G 148 -21.70 -17.51 -19.44
C GLU G 148 -22.39 -18.79 -19.93
N ALA G 149 -22.47 -19.80 -19.04
CA ALA G 149 -23.06 -21.11 -19.30
C ALA G 149 -24.55 -21.04 -19.48
N ALA G 150 -25.20 -20.07 -18.84
CA ALA G 150 -26.65 -19.90 -18.89
C ALA G 150 -27.10 -18.96 -19.99
N HIS G 151 -26.13 -18.40 -20.76
CA HIS G 151 -26.36 -17.45 -21.85
C HIS G 151 -27.21 -16.27 -21.34
N ALA G 152 -26.81 -15.76 -20.15
CA ALA G 152 -27.47 -14.67 -19.46
C ALA G 152 -27.49 -13.39 -20.30
N ALA G 153 -26.34 -13.05 -20.95
CA ALA G 153 -26.22 -11.86 -21.78
C ALA G 153 -27.25 -11.82 -22.91
N GLU G 154 -27.56 -13.00 -23.49
CA GLU G 154 -28.53 -13.11 -24.57
C GLU G 154 -29.91 -12.59 -24.15
N GLN G 155 -30.37 -13.08 -22.98
CA GLN G 155 -31.63 -12.71 -22.34
C GLN G 155 -31.58 -11.23 -21.86
N GLN G 156 -30.39 -10.71 -21.47
CA GLN G 156 -30.20 -9.32 -21.05
C GLN G 156 -30.29 -8.46 -22.28
N ARG G 157 -29.51 -8.80 -23.33
CA ARG G 157 -29.57 -8.10 -24.63
C ARG G 157 -31.04 -7.94 -25.11
N ALA G 158 -31.83 -9.05 -25.07
CA ALA G 158 -33.25 -9.09 -25.44
C ALA G 158 -34.05 -7.89 -24.87
N TYR G 159 -34.02 -7.75 -23.52
CA TYR G 159 -34.73 -6.70 -22.80
C TYR G 159 -34.24 -5.32 -23.20
N LEU G 160 -32.92 -5.14 -23.04
CA LEU G 160 -32.23 -3.90 -23.33
C LEU G 160 -32.51 -3.39 -24.74
N GLU G 161 -32.29 -4.26 -25.76
CA GLU G 161 -32.52 -3.96 -27.18
C GLU G 161 -33.99 -3.78 -27.56
N GLY G 162 -34.89 -4.50 -26.87
CA GLY G 162 -36.31 -4.45 -27.18
C GLY G 162 -37.26 -3.97 -26.11
N ARG G 163 -37.74 -4.90 -25.26
CA ARG G 163 -38.73 -4.61 -24.20
C ARG G 163 -38.47 -3.29 -23.48
N CYS G 164 -37.20 -3.01 -23.17
CA CYS G 164 -36.76 -1.80 -22.51
C CYS G 164 -37.08 -0.53 -23.34
N VAL G 165 -36.52 -0.45 -24.57
CA VAL G 165 -36.72 0.68 -25.47
C VAL G 165 -38.19 0.95 -25.72
N GLU G 166 -38.93 -0.13 -25.90
CA GLU G 166 -40.36 -0.09 -26.17
C GLU G 166 -41.13 0.57 -25.00
N TRP G 167 -40.73 0.26 -23.78
CA TRP G 167 -41.38 0.81 -22.60
C TRP G 167 -41.14 2.29 -22.53
N LEU G 168 -39.88 2.71 -22.77
CA LEU G 168 -39.47 4.11 -22.74
C LEU G 168 -40.33 4.90 -23.74
N ARG G 169 -40.30 4.41 -25.00
CA ARG G 169 -41.08 4.86 -26.15
C ARG G 169 -42.56 5.16 -25.67
N ARG G 170 -43.20 4.14 -25.06
CA ARG G 170 -44.55 4.24 -24.55
C ARG G 170 -44.67 5.31 -23.50
N TYR G 171 -43.72 5.34 -22.56
CA TYR G 171 -43.70 6.28 -21.43
C TYR G 171 -43.49 7.70 -21.90
N LEU G 172 -42.56 7.90 -22.87
CA LEU G 172 -42.30 9.23 -23.41
C LEU G 172 -43.59 9.83 -23.99
N GLU G 173 -44.32 9.05 -24.82
CA GLU G 173 -45.60 9.49 -25.34
C GLU G 173 -46.58 9.72 -24.20
N ASN G 174 -46.89 8.67 -23.41
CA ASN G 174 -47.79 8.71 -22.25
C ASN G 174 -47.68 9.96 -21.41
N GLY G 175 -46.47 10.35 -21.03
CA GLY G 175 -46.26 11.52 -20.20
C GLY G 175 -45.38 12.61 -20.76
N LYS G 176 -45.46 12.89 -22.09
CA LYS G 176 -44.66 13.93 -22.78
C LYS G 176 -44.73 15.31 -22.12
N GLU G 177 -45.90 15.63 -21.53
CA GLU G 177 -46.13 16.90 -20.83
C GLU G 177 -45.10 17.09 -19.71
N THR G 178 -44.90 16.03 -18.92
CA THR G 178 -43.99 15.95 -17.81
C THR G 178 -42.59 15.70 -18.32
N LEU G 179 -42.39 14.56 -18.98
CA LEU G 179 -41.09 14.09 -19.43
C LEU G 179 -40.39 14.88 -20.49
N GLN G 180 -41.15 15.43 -21.47
CA GLN G 180 -40.55 16.17 -22.58
C GLN G 180 -40.26 17.65 -22.31
N ARG G 181 -40.67 18.15 -21.11
CA ARG G 181 -40.45 19.53 -20.63
C ARG G 181 -38.94 19.82 -20.52
N THR G 182 -38.59 21.10 -20.62
CA THR G 182 -37.24 21.57 -20.40
C THR G 182 -37.30 22.91 -19.67
N ASP G 183 -37.45 22.84 -18.33
CA ASP G 183 -37.52 23.94 -17.38
C ASP G 183 -36.14 24.64 -17.26
N PRO G 184 -36.04 25.93 -17.69
CA PRO G 184 -34.74 26.59 -17.69
C PRO G 184 -34.38 27.20 -16.34
N PRO G 185 -33.05 27.35 -16.07
CA PRO G 185 -32.63 27.89 -14.77
C PRO G 185 -33.07 29.33 -14.45
N LYS G 186 -33.53 29.50 -13.20
CA LYS G 186 -33.94 30.76 -12.62
C LYS G 186 -32.67 31.27 -11.90
N THR G 187 -31.77 31.88 -12.70
CA THR G 187 -30.48 32.42 -12.27
C THR G 187 -30.58 33.69 -11.39
N HIS G 188 -29.48 33.99 -10.65
CA HIS G 188 -29.21 35.18 -9.80
C HIS G 188 -27.82 35.18 -9.13
N MET G 189 -27.41 36.33 -8.57
CA MET G 189 -26.12 36.55 -7.88
C MET G 189 -26.30 37.15 -6.50
N THR G 190 -25.44 36.74 -5.56
CA THR G 190 -25.41 37.24 -4.18
C THR G 190 -24.00 37.68 -3.75
N HIS G 191 -23.93 38.64 -2.83
CA HIS G 191 -22.66 39.20 -2.36
C HIS G 191 -22.53 39.07 -0.86
N HIS G 192 -21.54 38.29 -0.44
CA HIS G 192 -21.30 38.05 0.98
C HIS G 192 -19.89 38.45 1.32
N PRO G 193 -19.70 39.69 1.85
CA PRO G 193 -18.36 40.13 2.22
C PRO G 193 -17.82 39.34 3.40
N ILE G 194 -16.57 38.90 3.31
CA ILE G 194 -15.99 38.07 4.36
C ILE G 194 -15.06 38.89 5.30
N SER G 195 -14.10 39.60 4.70
CA SER G 195 -13.13 40.52 5.29
C SER G 195 -13.60 41.88 4.85
N ASP G 196 -12.98 42.95 5.35
CA ASP G 196 -13.33 44.32 4.92
C ASP G 196 -12.79 44.56 3.48
N HIS G 197 -11.99 43.59 2.97
CA HIS G 197 -11.34 43.60 1.66
C HIS G 197 -11.49 42.30 0.83
N GLU G 198 -12.36 41.35 1.27
CA GLU G 198 -12.64 40.10 0.56
C GLU G 198 -14.11 39.72 0.60
N ALA G 199 -14.64 39.18 -0.53
CA ALA G 199 -16.06 38.84 -0.64
C ALA G 199 -16.37 37.58 -1.44
N THR G 200 -17.37 36.83 -0.95
CA THR G 200 -17.94 35.63 -1.56
C THR G 200 -19.08 36.09 -2.47
N LEU G 201 -18.82 35.96 -3.77
CA LEU G 201 -19.72 36.27 -4.85
C LEU G 201 -20.27 34.91 -5.30
N ARG G 202 -21.56 34.65 -5.00
CA ARG G 202 -22.25 33.39 -5.29
C ARG G 202 -23.26 33.53 -6.44
N CYS G 203 -23.31 32.51 -7.33
CA CYS G 203 -24.23 32.42 -8.46
C CYS G 203 -25.16 31.28 -8.29
N TRP G 204 -26.45 31.55 -8.43
CA TRP G 204 -27.51 30.57 -8.28
C TRP G 204 -28.17 30.16 -9.57
N ALA G 205 -28.53 28.86 -9.67
CA ALA G 205 -29.30 28.23 -10.73
C ALA G 205 -30.45 27.51 -10.01
N LEU G 206 -31.70 27.88 -10.31
CA LEU G 206 -32.86 27.27 -9.63
C LEU G 206 -34.01 26.84 -10.56
N GLY G 207 -34.83 25.91 -10.05
CA GLY G 207 -36.01 25.37 -10.73
C GLY G 207 -35.84 24.66 -12.06
N PHE G 208 -34.61 24.21 -12.39
CA PHE G 208 -34.31 23.53 -13.66
C PHE G 208 -34.52 22.01 -13.71
N TYR G 209 -34.76 21.50 -14.95
CA TYR G 209 -34.96 20.09 -15.32
C TYR G 209 -34.60 19.96 -16.82
N PRO G 210 -33.77 19.00 -17.27
CA PRO G 210 -33.07 17.94 -16.51
C PRO G 210 -32.00 18.46 -15.53
N ALA G 211 -31.56 17.61 -14.59
CA ALA G 211 -30.58 17.92 -13.54
C ALA G 211 -29.22 18.36 -14.09
N GLU G 212 -28.89 17.95 -15.33
CA GLU G 212 -27.62 18.30 -15.98
C GLU G 212 -27.53 19.80 -16.25
N ILE G 213 -26.45 20.40 -15.72
CA ILE G 213 -26.11 21.84 -15.80
C ILE G 213 -24.57 22.00 -15.75
N THR G 214 -24.06 23.16 -16.19
CA THR G 214 -22.63 23.49 -16.16
C THR G 214 -22.48 24.98 -15.82
N LEU G 215 -22.13 25.28 -14.54
CA LEU G 215 -21.86 26.59 -13.94
C LEU G 215 -20.35 26.89 -14.00
N THR G 216 -19.99 28.16 -14.30
CA THR G 216 -18.59 28.58 -14.42
C THR G 216 -18.29 30.01 -13.99
N TRP G 217 -17.08 30.20 -13.43
CA TRP G 217 -16.59 31.47 -12.95
C TRP G 217 -15.41 31.94 -13.78
N GLN G 218 -15.57 33.12 -14.39
CA GLN G 218 -14.57 33.72 -15.25
C GLN G 218 -14.15 35.12 -14.87
N ARG G 219 -12.85 35.28 -14.57
CA ARG G 219 -12.28 36.59 -14.29
C ARG G 219 -11.61 37.09 -15.57
N ASP G 220 -12.16 38.20 -16.12
CA ASP G 220 -11.72 38.87 -17.35
C ASP G 220 -11.79 37.93 -18.59
N GLY G 221 -12.67 36.94 -18.55
CA GLY G 221 -12.86 35.98 -19.63
C GLY G 221 -12.02 34.71 -19.51
N GLU G 222 -11.04 34.69 -18.58
CA GLU G 222 -10.13 33.56 -18.32
C GLU G 222 -10.72 32.70 -17.22
N ASP G 223 -10.90 31.39 -17.50
CA ASP G 223 -11.53 30.48 -16.55
C ASP G 223 -10.79 30.18 -15.25
N GLN G 224 -11.30 30.79 -14.16
CA GLN G 224 -10.79 30.66 -12.81
C GLN G 224 -11.42 29.45 -12.12
N THR G 225 -10.58 28.45 -11.77
CA THR G 225 -10.99 27.21 -11.12
C THR G 225 -10.66 27.23 -9.62
N GLN G 226 -9.47 27.71 -9.24
CA GLN G 226 -9.14 27.87 -7.82
C GLN G 226 -9.82 29.17 -7.39
N ASP G 227 -10.46 29.14 -6.20
CA ASP G 227 -11.28 30.17 -5.53
C ASP G 227 -12.79 29.90 -5.70
N THR G 228 -13.16 28.84 -6.50
CA THR G 228 -14.56 28.42 -6.76
C THR G 228 -15.04 27.22 -5.93
N GLU G 229 -16.27 27.33 -5.38
CA GLU G 229 -16.95 26.33 -4.58
C GLU G 229 -18.22 25.97 -5.35
N LEU G 230 -18.35 24.69 -5.74
CA LEU G 230 -19.50 24.15 -6.49
C LEU G 230 -20.30 23.08 -5.71
N VAL G 231 -21.54 23.39 -5.25
CA VAL G 231 -22.35 22.38 -4.55
C VAL G 231 -22.84 21.27 -5.52
N GLU G 232 -23.14 20.08 -4.96
CA GLU G 232 -23.68 18.92 -5.67
C GLU G 232 -25.09 19.33 -6.15
N THR G 233 -25.44 19.14 -7.46
CA THR G 233 -26.80 19.50 -7.90
C THR G 233 -27.81 18.77 -7.00
N ARG G 234 -28.74 19.53 -6.42
CA ARG G 234 -29.67 18.99 -5.45
C ARG G 234 -31.13 19.01 -5.89
N PRO G 235 -31.95 18.07 -5.42
CA PRO G 235 -33.37 18.10 -5.77
C PRO G 235 -34.09 19.27 -5.12
N ALA G 236 -34.94 19.96 -5.88
CA ALA G 236 -35.74 21.04 -5.31
C ALA G 236 -36.90 20.42 -4.51
N GLY G 237 -37.41 19.27 -4.94
CA GLY G 237 -38.50 18.56 -4.25
C GLY G 237 -39.79 18.61 -5.04
N ASP G 238 -39.94 19.66 -5.88
CA ASP G 238 -41.08 19.92 -6.75
C ASP G 238 -40.80 19.31 -8.14
N GLY G 239 -39.87 18.36 -8.18
CA GLY G 239 -39.46 17.71 -9.41
C GLY G 239 -38.40 18.48 -10.17
N THR G 240 -38.03 19.70 -9.69
CA THR G 240 -36.98 20.54 -10.30
C THR G 240 -35.64 20.41 -9.54
N PHE G 241 -34.56 21.06 -10.06
CA PHE G 241 -33.21 21.02 -9.49
C PHE G 241 -32.61 22.35 -9.04
N GLN G 242 -31.49 22.29 -8.29
CA GLN G 242 -30.77 23.45 -7.73
C GLN G 242 -29.26 23.22 -7.67
N LYS G 243 -28.49 24.25 -8.04
CA LYS G 243 -27.02 24.26 -7.99
C LYS G 243 -26.50 25.69 -7.90
N TRP G 244 -25.39 25.87 -7.15
CA TRP G 244 -24.70 27.14 -7.04
C TRP G 244 -23.21 27.01 -7.14
N ALA G 245 -22.60 28.10 -7.56
CA ALA G 245 -21.17 28.24 -7.67
C ALA G 245 -20.84 29.54 -6.98
N ALA G 246 -19.79 29.51 -6.15
CA ALA G 246 -19.37 30.72 -5.45
C ALA G 246 -17.88 30.96 -5.74
N VAL G 247 -17.41 32.21 -5.55
CA VAL G 247 -16.02 32.62 -5.77
C VAL G 247 -15.61 33.73 -4.78
N VAL G 248 -14.35 33.68 -4.30
CA VAL G 248 -13.83 34.69 -3.38
C VAL G 248 -13.07 35.75 -4.14
N VAL G 249 -13.54 36.98 -4.06
CA VAL G 249 -13.00 38.08 -4.81
C VAL G 249 -12.38 39.19 -3.91
N PRO G 250 -11.28 39.87 -4.34
CA PRO G 250 -10.74 40.96 -3.52
C PRO G 250 -11.65 42.18 -3.69
N SER G 251 -12.29 42.65 -2.59
CA SER G 251 -13.22 43.79 -2.61
C SER G 251 -12.80 44.89 -3.57
N GLY G 252 -13.69 45.22 -4.50
CA GLY G 252 -13.44 46.19 -5.56
C GLY G 252 -13.28 45.50 -6.91
N GLU G 253 -12.39 44.47 -6.98
CA GLU G 253 -12.14 43.65 -8.19
C GLU G 253 -13.38 42.77 -8.56
N GLU G 254 -14.53 43.02 -7.90
CA GLU G 254 -15.82 42.34 -8.02
C GLU G 254 -16.30 42.20 -9.46
N GLN G 255 -16.23 43.29 -10.24
CA GLN G 255 -16.71 43.30 -11.62
C GLN G 255 -15.77 42.76 -12.74
N ARG G 256 -14.63 42.14 -12.37
CA ARG G 256 -13.71 41.50 -13.32
C ARG G 256 -14.29 40.10 -13.59
N TYR G 257 -15.00 39.61 -12.56
CA TYR G 257 -15.63 38.31 -12.40
C TYR G 257 -17.01 38.17 -13.07
N THR G 258 -17.19 37.06 -13.83
CA THR G 258 -18.41 36.69 -14.55
C THR G 258 -18.85 35.24 -14.37
N CYS G 259 -20.18 35.03 -14.31
CA CYS G 259 -20.74 33.69 -14.23
C CYS G 259 -21.32 33.22 -15.54
N HIS G 260 -21.09 31.94 -15.87
CA HIS G 260 -21.53 31.33 -17.11
C HIS G 260 -22.24 30.01 -16.89
N VAL G 261 -23.54 30.02 -17.22
CA VAL G 261 -24.48 28.92 -17.05
C VAL G 261 -24.78 28.21 -18.39
N GLN G 262 -24.85 26.86 -18.37
CA GLN G 262 -25.17 26.02 -19.54
C GLN G 262 -26.28 25.02 -19.20
N HIS G 263 -27.33 24.96 -20.02
CA HIS G 263 -28.47 24.04 -19.82
C HIS G 263 -29.22 23.79 -21.13
N GLU G 264 -29.99 22.68 -21.18
CA GLU G 264 -30.81 22.30 -22.32
C GLU G 264 -31.98 23.28 -22.54
N GLY G 265 -32.49 23.86 -21.46
CA GLY G 265 -33.59 24.84 -21.49
C GLY G 265 -33.17 26.25 -21.80
N LEU G 266 -31.89 26.42 -22.21
CA LEU G 266 -31.30 27.71 -22.54
C LEU G 266 -31.03 27.87 -24.03
N PRO G 267 -31.60 28.94 -24.65
CA PRO G 267 -31.34 29.20 -26.08
C PRO G 267 -29.83 29.33 -26.31
N LYS G 268 -29.23 30.32 -25.64
CA LYS G 268 -27.80 30.53 -25.66
C LYS G 268 -27.25 30.54 -24.21
N PRO G 269 -26.06 29.93 -23.97
CA PRO G 269 -25.51 29.91 -22.60
C PRO G 269 -25.34 31.29 -21.99
N LEU G 270 -26.03 31.51 -20.85
CA LEU G 270 -26.05 32.75 -20.09
C LEU G 270 -24.65 33.26 -19.64
N THR G 271 -24.62 34.56 -19.21
CA THR G 271 -23.47 35.30 -18.67
C THR G 271 -24.00 36.36 -17.70
N LEU G 272 -23.46 36.35 -16.47
CA LEU G 272 -23.84 37.28 -15.38
C LEU G 272 -22.60 38.01 -14.81
N ARG G 273 -22.79 39.26 -14.32
CA ARG G 273 -21.73 40.16 -13.79
C ARG G 273 -22.33 41.06 -12.70
N TRP G 274 -21.50 41.52 -11.73
CA TRP G 274 -22.00 42.38 -10.63
C TRP G 274 -22.43 43.77 -11.12
N MET H 1 -15.00 -4.01 1.13
CA MET H 1 -16.17 -3.44 1.82
C MET H 1 -16.02 -1.95 2.10
N ILE H 2 -16.59 -1.16 1.20
CA ILE H 2 -16.55 0.29 1.18
C ILE H 2 -17.47 0.90 2.19
N GLN H 3 -16.96 1.86 2.96
CA GLN H 3 -17.79 2.68 3.81
C GLN H 3 -17.69 4.07 3.20
N ARG H 4 -18.73 4.88 3.38
CA ARG H 4 -18.78 6.21 2.78
C ARG H 4 -19.54 7.23 3.60
N THR H 5 -19.07 8.46 3.50
CA THR H 5 -19.55 9.58 4.30
C THR H 5 -20.68 10.40 3.75
N PRO H 6 -21.77 10.40 4.55
CA PRO H 6 -22.98 11.14 4.18
C PRO H 6 -22.80 12.64 3.95
N LYS H 7 -22.72 13.08 2.68
CA LYS H 7 -22.60 14.50 2.32
C LYS H 7 -23.92 15.27 2.55
N ILE H 8 -24.02 16.12 3.61
CA ILE H 8 -25.27 16.85 3.91
C ILE H 8 -25.35 18.23 3.26
N GLN H 9 -26.57 18.62 2.82
CA GLN H 9 -26.96 19.91 2.28
C GLN H 9 -28.32 20.22 2.92
N VAL H 10 -28.47 21.38 3.59
CA VAL H 10 -29.74 21.80 4.20
C VAL H 10 -30.20 23.09 3.52
N TYR H 11 -31.45 23.13 2.98
CA TYR H 11 -31.93 24.27 2.18
C TYR H 11 -33.43 24.33 1.99
N SER H 12 -33.91 25.39 1.34
CA SER H 12 -35.31 25.57 1.01
C SER H 12 -35.55 25.34 -0.49
N ARG H 13 -36.81 25.02 -0.86
CA ARG H 13 -37.19 24.81 -2.25
C ARG H 13 -37.18 26.16 -2.97
N HIS H 14 -38.03 27.09 -2.51
CA HIS H 14 -38.15 28.45 -3.01
C HIS H 14 -37.32 29.34 -2.12
N PRO H 15 -36.57 30.32 -2.68
CA PRO H 15 -35.75 31.20 -1.84
C PRO H 15 -36.59 31.81 -0.72
N ALA H 16 -36.04 31.71 0.51
CA ALA H 16 -36.66 32.10 1.78
C ALA H 16 -37.20 33.53 1.92
N GLU H 17 -38.43 33.62 2.43
CA GLU H 17 -39.18 34.85 2.72
C GLU H 17 -40.11 34.55 3.90
N ASN H 18 -39.85 35.19 5.07
CA ASN H 18 -40.56 34.99 6.34
C ASN H 18 -42.06 35.19 6.22
N GLY H 19 -42.82 34.30 6.85
CA GLY H 19 -44.28 34.32 6.80
C GLY H 19 -44.89 33.55 5.65
N LYS H 20 -44.16 33.47 4.51
CA LYS H 20 -44.55 32.74 3.31
C LYS H 20 -44.24 31.27 3.52
N SER H 21 -45.21 30.38 3.21
CA SER H 21 -44.98 28.95 3.34
C SER H 21 -43.92 28.53 2.31
N ASN H 22 -43.03 27.62 2.74
CA ASN H 22 -41.94 27.09 1.96
C ASN H 22 -41.75 25.62 2.35
N PHE H 23 -40.66 25.00 1.89
CA PHE H 23 -40.35 23.62 2.20
C PHE H 23 -38.91 23.51 2.53
N LEU H 24 -38.59 22.86 3.65
CA LEU H 24 -37.21 22.67 4.08
C LEU H 24 -36.73 21.28 3.74
N ASN H 25 -35.68 21.21 2.93
CA ASN H 25 -35.13 19.96 2.47
C ASN H 25 -33.72 19.73 3.02
N CYS H 26 -33.45 18.46 3.38
CA CYS H 26 -32.12 17.96 3.74
C CYS H 26 -31.77 16.83 2.76
N TYR H 27 -30.69 17.04 2.00
CA TYR H 27 -30.27 16.11 0.99
C TYR H 27 -29.01 15.38 1.40
N VAL H 28 -29.21 14.20 1.95
CA VAL H 28 -28.14 13.34 2.40
C VAL H 28 -27.66 12.39 1.30
N SER H 29 -26.56 12.75 0.65
CA SER H 29 -26.02 11.98 -0.45
C SER H 29 -24.70 11.28 -0.12
N GLY H 30 -23.96 10.89 -1.16
CA GLY H 30 -22.66 10.25 -1.10
C GLY H 30 -22.40 9.10 -0.15
N PHE H 31 -23.40 8.61 0.63
CA PHE H 31 -23.15 7.53 1.60
C PHE H 31 -23.13 6.07 1.13
N HIS H 32 -23.01 5.14 2.11
CA HIS H 32 -22.94 3.68 1.96
C HIS H 32 -22.43 3.11 3.25
N PRO H 33 -23.04 2.07 3.86
CA PRO H 33 -24.26 1.34 3.51
C PRO H 33 -25.57 2.11 3.47
N SER H 34 -26.64 1.38 3.12
CA SER H 34 -28.00 1.82 2.97
C SER H 34 -28.50 2.52 4.21
N ASP H 35 -28.33 1.88 5.36
CA ASP H 35 -28.85 2.39 6.64
C ASP H 35 -28.49 3.86 6.97
N ILE H 36 -29.46 4.61 7.57
CA ILE H 36 -29.30 6.01 7.95
C ILE H 36 -30.40 6.48 8.90
N GLU H 37 -30.07 7.55 9.66
CA GLU H 37 -30.90 8.23 10.68
C GLU H 37 -30.89 9.71 10.31
N VAL H 38 -32.03 10.26 9.83
CA VAL H 38 -32.06 11.68 9.45
C VAL H 38 -33.26 12.35 10.10
N ASP H 39 -33.03 13.52 10.71
CA ASP H 39 -34.05 14.30 11.40
C ASP H 39 -33.89 15.79 11.16
N LEU H 40 -35.03 16.48 11.08
CA LEU H 40 -35.11 17.93 10.87
C LEU H 40 -35.47 18.59 12.19
N LEU H 41 -34.76 19.68 12.51
CA LEU H 41 -34.89 20.40 13.79
C LEU H 41 -35.25 21.89 13.65
N LYS H 42 -36.35 22.29 14.33
CA LYS H 42 -36.85 23.66 14.48
C LYS H 42 -36.39 24.03 15.88
N ASN H 43 -35.26 24.78 15.96
CA ASN H 43 -34.61 25.20 17.21
C ASN H 43 -34.23 23.95 18.02
N GLY H 44 -33.35 23.13 17.45
CA GLY H 44 -32.85 21.87 18.03
C GLY H 44 -33.87 20.82 18.43
N GLU H 45 -35.16 21.04 18.08
CA GLU H 45 -36.29 20.16 18.38
C GLU H 45 -36.77 19.37 17.15
N ARG H 46 -36.72 18.01 17.25
CA ARG H 46 -37.11 17.03 16.24
C ARG H 46 -38.55 17.28 15.71
N ILE H 47 -38.69 17.58 14.41
CA ILE H 47 -39.99 17.82 13.80
C ILE H 47 -40.64 16.48 13.44
N GLU H 48 -41.87 16.23 13.89
CA GLU H 48 -42.53 15.00 13.46
C GLU H 48 -43.30 15.30 12.18
N LYS H 49 -43.68 14.26 11.41
CA LYS H 49 -44.39 14.34 10.13
C LYS H 49 -43.49 14.93 9.03
N VAL H 50 -42.23 14.47 9.03
CA VAL H 50 -41.23 14.85 8.04
C VAL H 50 -41.11 13.69 7.04
N GLU H 51 -41.41 13.96 5.77
CA GLU H 51 -41.37 12.93 4.74
C GLU H 51 -39.97 12.77 4.11
N HIS H 52 -39.82 11.75 3.22
CA HIS H 52 -38.59 11.43 2.51
C HIS H 52 -38.77 10.65 1.21
N SER H 53 -37.80 10.80 0.31
CA SER H 53 -37.74 10.17 -1.01
C SER H 53 -37.52 8.66 -0.84
N ASP H 54 -37.58 7.92 -1.95
CA ASP H 54 -37.36 6.48 -1.99
C ASP H 54 -35.87 6.21 -2.16
N LEU H 55 -35.31 5.30 -1.33
CA LEU H 55 -33.88 5.00 -1.43
C LEU H 55 -33.31 4.75 -2.85
N SER H 56 -32.56 5.70 -3.35
CA SER H 56 -31.94 5.56 -4.65
C SER H 56 -30.38 5.55 -4.51
N PHE H 57 -29.66 5.36 -5.62
CA PHE H 57 -28.20 5.40 -5.61
C PHE H 57 -27.59 6.01 -6.86
N SER H 58 -26.35 6.51 -6.74
CA SER H 58 -25.62 7.23 -7.77
C SER H 58 -24.72 6.30 -8.58
N LYS H 59 -24.13 6.81 -9.68
CA LYS H 59 -23.29 6.02 -10.61
C LYS H 59 -22.12 5.26 -9.97
N ASP H 60 -21.59 5.77 -8.85
CA ASP H 60 -20.46 5.24 -8.08
C ASP H 60 -20.90 4.28 -6.96
N TRP H 61 -22.22 4.02 -6.87
CA TRP H 61 -22.91 3.18 -5.89
C TRP H 61 -23.30 3.89 -4.59
N SER H 62 -22.96 5.16 -4.53
CA SER H 62 -23.20 6.01 -3.39
C SER H 62 -24.65 6.30 -3.23
N PHE H 63 -25.27 5.75 -2.20
CA PHE H 63 -26.68 6.00 -1.95
C PHE H 63 -26.97 7.46 -1.89
N TYR H 64 -28.23 7.82 -1.69
CA TYR H 64 -28.61 9.20 -1.52
C TYR H 64 -30.09 9.33 -1.29
N LEU H 65 -30.47 10.23 -0.39
CA LEU H 65 -31.84 10.32 0.08
C LEU H 65 -32.21 11.77 0.27
N LEU H 66 -33.49 12.07 0.39
CA LEU H 66 -33.94 13.45 0.60
C LEU H 66 -35.11 13.51 1.54
N TYR H 67 -34.92 14.18 2.67
CA TYR H 67 -36.00 14.39 3.61
C TYR H 67 -36.40 15.83 3.48
N TYR H 68 -37.66 16.11 3.72
CA TYR H 68 -38.20 17.44 3.48
C TYR H 68 -39.50 17.62 4.21
N THR H 69 -39.87 18.87 4.45
CA THR H 69 -41.17 19.18 5.03
C THR H 69 -41.67 20.57 4.74
N GLU H 70 -42.95 20.77 5.01
CA GLU H 70 -43.63 22.02 4.74
C GLU H 70 -43.52 22.90 5.95
N PHE H 71 -43.08 24.13 5.75
CA PHE H 71 -42.93 25.02 6.89
C PHE H 71 -43.11 26.47 6.54
N THR H 72 -43.00 27.29 7.58
CA THR H 72 -43.15 28.72 7.48
C THR H 72 -41.99 29.36 8.26
N PRO H 73 -40.98 29.93 7.59
CA PRO H 73 -39.81 30.46 8.32
C PRO H 73 -40.04 31.79 9.05
N THR H 74 -39.16 32.05 10.05
CA THR H 74 -39.11 33.24 10.90
C THR H 74 -37.67 33.44 11.39
N GLU H 75 -37.27 34.71 11.70
CA GLU H 75 -35.91 35.04 12.18
C GLU H 75 -35.61 34.45 13.54
N LYS H 76 -36.67 34.25 14.36
CA LYS H 76 -36.61 33.63 15.68
C LYS H 76 -36.21 32.14 15.57
N ASP H 77 -36.89 31.40 14.67
CA ASP H 77 -36.73 29.98 14.42
C ASP H 77 -35.42 29.60 13.77
N GLU H 78 -34.76 28.58 14.34
CA GLU H 78 -33.49 28.03 13.90
C GLU H 78 -33.55 26.60 13.41
N TYR H 79 -33.60 26.49 12.09
CA TYR H 79 -33.69 25.24 11.35
C TYR H 79 -32.33 24.63 11.07
N ALA H 80 -32.20 23.33 11.39
CA ALA H 80 -30.99 22.53 11.20
C ALA H 80 -31.34 21.04 11.05
N CYS H 81 -30.43 20.25 10.47
CA CYS H 81 -30.63 18.82 10.24
C CYS H 81 -29.59 17.91 10.93
N ARG H 82 -30.08 16.88 11.66
CA ARG H 82 -29.23 15.94 12.38
C ARG H 82 -29.25 14.57 11.69
N VAL H 83 -28.06 14.14 11.25
CA VAL H 83 -27.79 12.92 10.48
C VAL H 83 -26.85 11.98 11.24
N ASN H 84 -27.24 10.71 11.39
CA ASN H 84 -26.36 9.73 11.99
C ASN H 84 -26.26 8.51 11.08
N HIS H 85 -25.04 8.04 10.89
CA HIS H 85 -24.68 6.93 10.05
C HIS H 85 -23.64 6.06 10.80
N VAL H 86 -23.20 4.98 10.15
CA VAL H 86 -22.21 4.05 10.68
C VAL H 86 -20.83 4.75 10.69
N THR H 87 -20.50 5.53 9.62
CA THR H 87 -19.22 6.26 9.52
C THR H 87 -19.20 7.42 10.52
N LEU H 88 -20.36 8.04 10.76
CA LEU H 88 -20.47 9.13 11.72
C LEU H 88 -20.37 8.60 13.14
N SER H 89 -19.22 9.00 13.78
CA SER H 89 -18.79 8.69 15.16
C SER H 89 -19.78 9.27 16.18
N GLN H 90 -20.35 10.44 15.84
CA GLN H 90 -21.38 11.16 16.60
C GLN H 90 -22.21 11.97 15.60
N PRO H 91 -23.52 12.17 15.84
CA PRO H 91 -24.35 12.94 14.88
C PRO H 91 -23.73 14.24 14.32
N LYS H 92 -23.91 14.48 13.01
CA LYS H 92 -23.43 15.69 12.38
C LYS H 92 -24.62 16.65 12.26
N ILE H 93 -24.54 17.81 12.93
CA ILE H 93 -25.62 18.80 12.84
C ILE H 93 -25.26 19.87 11.84
N VAL H 94 -26.13 20.10 10.85
CA VAL H 94 -25.89 21.11 9.84
C VAL H 94 -27.02 22.09 9.97
N LYS H 95 -26.69 23.36 10.13
CA LYS H 95 -27.67 24.44 10.30
C LYS H 95 -28.20 24.88 8.94
N TRP H 96 -29.43 25.44 8.91
CA TRP H 96 -29.95 25.92 7.64
C TRP H 96 -29.44 27.29 7.36
N ASP H 97 -28.50 27.37 6.39
CA ASP H 97 -27.99 28.67 5.97
C ASP H 97 -28.98 29.24 4.96
N ARG H 98 -29.72 30.27 5.40
CA ARG H 98 -30.66 30.96 4.56
C ARG H 98 -29.77 31.75 3.59
N ASP H 99 -29.62 31.23 2.36
CA ASP H 99 -28.78 31.72 1.26
C ASP H 99 -27.45 30.95 1.15
N MET H 100 -27.58 29.62 0.94
CA MET H 100 -26.55 28.58 0.75
C MET H 100 -27.24 27.19 0.58
N GLY I 1 -40.66 -0.09 -17.79
CA GLY I 1 -40.98 -1.43 -17.30
C GLY I 1 -39.75 -2.28 -17.00
N THR I 2 -39.83 -3.15 -15.97
CA THR I 2 -38.71 -4.03 -15.54
C THR I 2 -38.51 -5.26 -16.41
N SER I 3 -37.40 -5.99 -16.14
CA SER I 3 -37.01 -7.27 -16.72
C SER I 3 -37.59 -8.39 -15.83
N GLY I 4 -37.76 -9.60 -16.38
CA GLY I 4 -38.35 -10.78 -15.72
C GLY I 4 -37.62 -12.09 -16.00
N SER I 5 -36.73 -12.01 -16.97
CA SER I 5 -35.76 -13.02 -17.37
C SER I 5 -34.51 -12.32 -18.02
N PRO I 6 -33.25 -12.85 -17.83
CA PRO I 6 -32.83 -14.17 -17.28
C PRO I 6 -33.33 -14.65 -15.90
N ILE I 7 -32.74 -14.03 -14.82
CA ILE I 7 -32.85 -14.23 -13.37
C ILE I 7 -32.04 -15.46 -12.86
N VAL I 8 -30.79 -15.57 -13.35
CA VAL I 8 -29.86 -16.64 -13.01
C VAL I 8 -29.12 -16.21 -11.76
N ASN I 9 -29.03 -17.13 -10.79
CA ASN I 9 -28.33 -16.93 -9.53
C ASN I 9 -26.83 -16.68 -9.74
N ARG I 10 -26.23 -15.84 -8.87
CA ARG I 10 -24.79 -15.51 -8.83
C ARG I 10 -24.06 -16.63 -8.12
#